data_6SK7
#
_entry.id   6SK7
#
_cell.length_a   1.00
_cell.length_b   1.00
_cell.length_c   1.00
_cell.angle_alpha   90.00
_cell.angle_beta   90.00
_cell.angle_gamma   90.00
#
_symmetry.space_group_name_H-M   'P 1'
#
loop_
_entity.id
_entity.type
_entity.pdbx_description
1 polymer 'VP1 capsid protein'
2 polymer 'VP2 capsid protein'
3 polymer 'VP3 capsid protein'
4 polymer 'VP4 capsid protein'
#
loop_
_entity_poly.entity_id
_entity_poly.type
_entity_poly.pdbx_seq_one_letter_code
_entity_poly.pdbx_strand_id
1 'polypeptide(L)'
;NPVENYIDSVLNEVLVVPNIQPSTSVSSHAAPALDAAETGHTSSVQPEDMIETRYVITDQTRDETSIESFLGRSGCIAMI
EFNTSSDKTEHDKIGKGFKTWKVSLQEMAQIRRKYELFTYTRFDSEITIVTAAAAQGNDSGHIVLQFMYVPPGAPVPEKR
DDYTWQSGTNASVFWQEGQPYPRFTIPFMSIASAYYMFYDGYDGDSAASKYGSVVTNDMGTICVRIVTSNQKHDSNIVCR
IYHKAKHIKAWCPRPPRAVAYQHTHSTNYIPSNGEATTQIKTRPDVFTVTNVGPSSMF
;
A
2 'polypeptide(L)'
;SPTVEACGYSDRLIQITRGDSTITSQDTANAVVAYGVWPSYLTPDDATAIDKPTQPDTSSNRFYTLDSRSWTSASSGWWW
KLPDALKNMGIFGENMFYHFLGRSGYTIHVQCNSSKFHQGLLIVAAIPEHQLASATSGNVSVGYNHTHPGEQGREVVPSR
TSSDNKRPSDDSWLNFDGTLLGNLPIYPHQYINLRTNNSATLILPYVNAVPMDSMLRHNNWSLVIIPICPLQVQPGGTQS
IPITVSISPMFSEFSGPRSKVVFSTTQ
;
B
3 'polypeptide(L)'
;GLPVMLTPGSGQFLTTDDTQSPSAFPYFHPTKEIFIPGQVRNLIEMCQVDTLIPVNNTQENVRSVNMYTVDLRTQVDLAK
EVFSIPVDIASQPLATTLIGELASYYTHWTGSLRFSFMFCGSASSTLKLLIAYTPPGVGKPKSRREAMLGTHLVWDVGLQ
STASLVVPWVSASHFRFTTPDTYSSAGYITCWYQTNFVVPDSTPDNAKMVCMVSACKDFCLRLARDTNLHTQEGVLTQ
;
C
4 'polypeptide(L)' MGAQVSRQNVGTHSTQNSVSNGSSLNYFNINYFKDAASSGASRLDFSQDPSKFTDPVKDVLEKGIPTLQ D
#
# COMPACT_ATOMS: atom_id res chain seq x y z
N ASN A 1 -11.52 -33.66 4.36
CA ASN A 1 -10.73 -34.73 4.96
C ASN A 1 -9.30 -34.26 5.35
N PRO A 2 -8.89 -34.40 6.63
CA PRO A 2 -7.58 -34.06 7.19
C PRO A 2 -6.39 -34.59 6.39
N VAL A 3 -6.54 -35.76 5.80
CA VAL A 3 -5.44 -36.32 5.04
C VAL A 3 -5.41 -35.76 3.67
N GLU A 4 -6.58 -35.56 3.08
CA GLU A 4 -6.58 -34.94 1.75
C GLU A 4 -5.98 -33.56 1.87
N ASN A 5 -6.23 -32.88 2.99
CA ASN A 5 -5.62 -31.57 3.22
C ASN A 5 -4.11 -31.71 3.22
N TYR A 6 -3.61 -32.75 3.90
CA TYR A 6 -2.18 -33.03 3.91
C TYR A 6 -1.66 -33.24 2.51
N ILE A 7 -2.32 -34.09 1.75
CA ILE A 7 -1.87 -34.41 0.41
C ILE A 7 -1.83 -33.17 -0.47
N ASP A 8 -2.87 -32.35 -0.41
CA ASP A 8 -2.89 -31.11 -1.19
C ASP A 8 -1.76 -30.21 -0.77
N SER A 9 -1.45 -30.17 0.52
CA SER A 9 -0.37 -29.34 1.00
C SER A 9 0.96 -29.82 0.43
N VAL A 10 1.15 -31.12 0.42
CA VAL A 10 2.36 -31.72 -0.11
C VAL A 10 2.56 -31.42 -1.57
N LEU A 11 1.49 -31.45 -2.32
CA LEU A 11 1.54 -31.20 -3.74
C LEU A 11 1.42 -29.72 -4.11
N ASN A 12 1.30 -28.84 -3.11
CA ASN A 12 1.09 -27.42 -3.34
C ASN A 12 -0.14 -27.16 -4.21
N GLU A 13 -1.23 -27.87 -3.90
CA GLU A 13 -2.48 -27.74 -4.60
C GLU A 13 -3.64 -27.36 -3.71
N VAL A 14 -3.41 -26.45 -2.78
CA VAL A 14 -4.48 -26.07 -1.88
C VAL A 14 -5.35 -24.98 -2.47
N LEU A 15 -4.75 -23.87 -2.86
CA LEU A 15 -5.50 -22.74 -3.38
C LEU A 15 -5.72 -22.86 -4.88
N VAL A 16 -6.69 -23.69 -5.25
CA VAL A 16 -6.94 -24.06 -6.65
C VAL A 16 -7.66 -22.98 -7.47
N VAL A 17 -7.13 -22.71 -8.66
CA VAL A 17 -7.62 -21.70 -9.59
C VAL A 17 -8.75 -22.29 -10.51
N PRO A 18 -9.87 -21.56 -10.73
CA PRO A 18 -11.02 -21.92 -11.56
C PRO A 18 -10.70 -22.27 -13.00
N ASN A 19 -11.56 -23.12 -13.60
CA ASN A 19 -11.43 -23.55 -14.98
C ASN A 19 -12.06 -22.53 -15.91
N ILE A 20 -11.70 -22.58 -17.18
CA ILE A 20 -12.32 -21.71 -18.16
C ILE A 20 -13.44 -22.42 -18.87
N GLN A 21 -14.62 -21.86 -18.79
CA GLN A 21 -15.77 -22.48 -19.39
C GLN A 21 -15.83 -22.10 -20.86
N PRO A 22 -16.36 -22.96 -21.73
CA PRO A 22 -16.52 -22.70 -23.13
C PRO A 22 -17.56 -21.64 -23.34
N SER A 23 -17.47 -20.92 -24.44
CA SER A 23 -18.46 -19.91 -24.75
C SER A 23 -18.63 -19.68 -26.23
N THR A 24 -19.75 -19.07 -26.60
CA THR A 24 -20.04 -18.70 -27.97
C THR A 24 -20.42 -17.24 -28.05
N SER A 25 -20.48 -16.70 -29.27
CA SER A 25 -20.90 -15.33 -29.46
C SER A 25 -22.26 -15.07 -28.86
N VAL A 26 -22.39 -13.91 -28.23
CA VAL A 26 -23.63 -13.47 -27.63
C VAL A 26 -24.03 -12.10 -28.12
N SER A 27 -25.27 -11.97 -28.53
CA SER A 27 -25.83 -10.69 -28.92
C SER A 27 -26.91 -10.30 -27.95
N SER A 28 -26.66 -9.28 -27.13
CA SER A 28 -27.58 -8.92 -26.07
C SER A 28 -27.56 -7.46 -25.71
N HIS A 29 -28.34 -7.11 -24.70
CA HIS A 29 -28.37 -5.77 -24.15
C HIS A 29 -27.45 -5.71 -22.98
N ALA A 30 -27.07 -6.88 -22.49
CA ALA A 30 -26.07 -6.92 -21.45
C ALA A 30 -24.76 -6.45 -22.04
N ALA A 31 -23.97 -5.76 -21.27
CA ALA A 31 -22.69 -5.30 -21.78
C ALA A 31 -21.60 -5.40 -20.74
N PRO A 32 -21.05 -6.59 -20.47
CA PRO A 32 -20.03 -6.86 -19.50
C PRO A 32 -18.79 -6.00 -19.73
N ALA A 33 -18.58 -5.56 -20.96
CA ALA A 33 -17.41 -4.77 -21.28
C ALA A 33 -17.54 -3.33 -20.81
N LEU A 34 -18.75 -2.90 -20.48
CA LEU A 34 -18.96 -1.52 -20.06
C LEU A 34 -19.29 -1.42 -18.59
N ASP A 35 -18.74 -0.42 -17.94
CA ASP A 35 -18.97 -0.26 -16.51
C ASP A 35 -18.59 1.14 -16.07
N ALA A 36 -18.63 1.38 -14.77
CA ALA A 36 -18.14 2.63 -14.21
C ALA A 36 -17.09 2.35 -13.15
N ALA A 37 -15.82 2.64 -13.48
CA ALA A 37 -14.73 2.40 -12.53
C ALA A 37 -14.76 3.47 -11.47
N GLU A 38 -15.62 4.42 -11.69
CA GLU A 38 -15.85 5.53 -10.83
C GLU A 38 -16.41 5.07 -9.52
N THR A 39 -17.04 3.91 -9.53
CA THR A 39 -17.65 3.35 -8.36
C THR A 39 -16.63 2.87 -7.36
N GLY A 40 -15.38 2.76 -7.78
CA GLY A 40 -14.34 2.28 -6.91
C GLY A 40 -14.25 0.76 -6.89
N HIS A 41 -15.06 0.10 -7.71
CA HIS A 41 -15.03 -1.35 -7.76
C HIS A 41 -14.44 -1.85 -9.08
N THR A 42 -13.53 -2.82 -9.00
CA THR A 42 -12.90 -3.41 -10.18
C THR A 42 -13.92 -4.04 -11.10
N SER A 43 -13.79 -3.80 -12.40
CA SER A 43 -14.72 -4.44 -13.33
C SER A 43 -14.69 -5.94 -13.16
N SER A 44 -15.85 -6.57 -13.20
CA SER A 44 -15.92 -8.01 -13.00
C SER A 44 -15.81 -8.82 -14.28
N VAL A 45 -15.69 -8.16 -15.44
CA VAL A 45 -15.72 -8.90 -16.70
C VAL A 45 -14.60 -9.94 -16.79
N GLN A 46 -14.97 -11.16 -17.24
CA GLN A 46 -14.02 -12.27 -17.40
C GLN A 46 -13.85 -12.59 -18.88
N PRO A 47 -12.79 -13.32 -19.30
CA PRO A 47 -12.55 -13.76 -20.66
C PRO A 47 -13.77 -14.41 -21.27
N GLU A 48 -14.50 -15.14 -20.45
CA GLU A 48 -15.68 -15.88 -20.86
C GLU A 48 -16.78 -14.98 -21.39
N ASP A 49 -16.77 -13.72 -20.97
CA ASP A 49 -17.80 -12.76 -21.32
C ASP A 49 -17.53 -12.05 -22.64
N MET A 50 -16.26 -11.93 -23.01
CA MET A 50 -15.93 -11.15 -24.20
C MET A 50 -15.38 -11.95 -25.36
N ILE A 51 -14.73 -13.06 -25.07
CA ILE A 51 -14.03 -13.80 -26.11
C ILE A 51 -14.52 -15.22 -26.20
N GLU A 52 -14.89 -15.66 -27.40
CA GLU A 52 -15.30 -17.05 -27.52
C GLU A 52 -14.16 -17.92 -27.07
N THR A 53 -14.43 -18.87 -26.20
CA THR A 53 -13.35 -19.68 -25.70
C THR A 53 -13.65 -21.15 -25.65
N ARG A 54 -12.56 -21.90 -25.64
CA ARG A 54 -12.61 -23.34 -25.54
C ARG A 54 -12.51 -23.69 -24.07
N TYR A 55 -12.96 -24.87 -23.72
CA TYR A 55 -12.90 -25.33 -22.34
C TYR A 55 -11.50 -25.68 -21.96
N VAL A 56 -11.04 -25.09 -20.88
CA VAL A 56 -9.68 -25.33 -20.41
C VAL A 56 -9.66 -25.71 -18.97
N ILE A 57 -9.06 -26.84 -18.67
CA ILE A 57 -8.93 -27.26 -17.30
C ILE A 57 -7.69 -26.65 -16.70
N THR A 58 -7.88 -25.92 -15.63
CA THR A 58 -6.81 -25.20 -14.99
C THR A 58 -6.09 -26.07 -13.96
N ASP A 59 -4.77 -26.10 -14.02
CA ASP A 59 -3.97 -26.84 -13.04
C ASP A 59 -3.05 -25.92 -12.27
N GLN A 60 -3.43 -24.66 -12.25
CA GLN A 60 -2.69 -23.61 -11.59
C GLN A 60 -3.15 -23.48 -10.17
N THR A 61 -2.22 -23.16 -9.28
CA THR A 61 -2.56 -22.94 -7.89
C THR A 61 -1.97 -21.63 -7.42
N ARG A 62 -2.53 -21.06 -6.36
CA ARG A 62 -2.10 -19.77 -5.89
C ARG A 62 -1.28 -19.85 -4.62
N ASP A 63 -0.83 -21.04 -4.28
CA ASP A 63 -0.17 -21.25 -3.01
C ASP A 63 1.06 -20.36 -2.80
N GLU A 64 1.82 -20.13 -3.85
CA GLU A 64 3.04 -19.32 -3.76
C GLU A 64 2.80 -17.82 -3.58
N THR A 65 1.55 -17.38 -3.74
CA THR A 65 1.21 -15.98 -3.60
C THR A 65 0.59 -15.72 -2.25
N SER A 66 0.49 -16.76 -1.44
CA SER A 66 -0.08 -16.59 -0.13
C SER A 66 0.78 -15.69 0.68
N ILE A 67 0.21 -15.07 1.70
CA ILE A 67 1.03 -14.24 2.56
C ILE A 67 2.09 -15.04 3.27
N GLU A 68 1.73 -16.25 3.69
CA GLU A 68 2.66 -17.10 4.38
C GLU A 68 3.88 -17.37 3.46
N SER A 69 3.63 -17.59 2.17
CA SER A 69 4.72 -17.78 1.19
C SER A 69 5.54 -16.53 0.96
N PHE A 70 4.87 -15.43 0.73
CA PHE A 70 5.54 -14.19 0.36
C PHE A 70 6.43 -13.66 1.47
N LEU A 71 5.90 -13.56 2.68
CA LEU A 71 6.68 -13.00 3.78
C LEU A 71 7.48 -14.03 4.57
N GLY A 72 7.06 -15.29 4.55
CA GLY A 72 7.72 -16.33 5.35
C GLY A 72 9.02 -16.85 4.73
N ARG A 73 9.95 -15.96 4.46
CA ARG A 73 11.24 -16.31 3.88
C ARG A 73 12.34 -15.58 4.61
N SER A 74 13.43 -16.26 4.87
CA SER A 74 14.52 -15.64 5.59
C SER A 74 15.13 -14.51 4.80
N GLY A 75 15.53 -13.47 5.49
CA GLY A 75 16.28 -12.40 4.85
C GLY A 75 17.04 -11.60 5.86
N CYS A 76 18.13 -10.99 5.43
CA CYS A 76 18.97 -10.23 6.34
C CYS A 76 18.29 -8.98 6.82
N ILE A 77 18.29 -8.75 8.12
CA ILE A 77 17.77 -7.53 8.68
C ILE A 77 18.83 -6.68 9.34
N ALA A 78 20.00 -7.25 9.61
CA ALA A 78 21.02 -6.45 10.27
C ALA A 78 22.42 -6.95 10.11
N MET A 79 23.37 -6.03 10.27
CA MET A 79 24.77 -6.36 10.40
C MET A 79 25.34 -5.76 11.68
N ILE A 80 26.09 -6.55 12.43
CA ILE A 80 26.72 -6.12 13.65
C ILE A 80 28.22 -6.35 13.56
N GLU A 81 29.02 -5.32 13.84
CA GLU A 81 30.47 -5.45 13.66
C GLU A 81 31.31 -5.19 14.92
N PHE A 82 32.41 -5.94 15.03
CA PHE A 82 33.40 -5.78 16.11
C PHE A 82 34.78 -5.65 15.52
N ASN A 83 35.63 -4.94 16.20
CA ASN A 83 37.04 -4.94 15.85
C ASN A 83 37.85 -5.24 17.08
N THR A 84 38.14 -6.50 17.32
CA THR A 84 38.73 -6.90 18.58
C THR A 84 40.17 -6.46 18.65
N SER A 85 40.75 -6.51 19.85
CA SER A 85 42.13 -6.12 20.02
C SER A 85 42.84 -6.86 21.11
N SER A 86 44.10 -7.17 20.88
CA SER A 86 44.95 -7.78 21.89
C SER A 86 45.17 -6.88 23.11
N ASP A 87 44.92 -5.59 22.96
CA ASP A 87 45.14 -4.68 24.08
C ASP A 87 43.99 -4.71 25.03
N LYS A 88 44.18 -5.43 26.12
CA LYS A 88 43.14 -5.62 27.14
C LYS A 88 42.40 -4.34 27.50
N THR A 89 43.10 -3.20 27.50
CA THR A 89 42.49 -1.93 27.88
C THR A 89 41.50 -1.45 26.83
N GLU A 90 41.89 -1.61 25.55
CA GLU A 90 41.06 -1.20 24.43
C GLU A 90 39.93 -2.17 24.26
N HIS A 91 40.23 -3.42 24.53
CA HIS A 91 39.26 -4.45 24.48
C HIS A 91 38.29 -4.10 25.58
N ASP A 92 37.25 -4.85 25.74
CA ASP A 92 36.19 -4.50 26.71
C ASP A 92 35.35 -3.25 26.33
N LYS A 93 35.78 -2.46 25.33
CA LYS A 93 35.03 -1.27 24.92
C LYS A 93 33.97 -1.59 23.88
N ILE A 94 32.96 -0.76 23.79
CA ILE A 94 31.99 -0.96 22.74
C ILE A 94 32.65 -0.73 21.41
N GLY A 95 32.36 -1.59 20.47
CA GLY A 95 32.90 -1.54 19.13
C GLY A 95 34.13 -2.43 19.02
N LYS A 96 34.70 -2.79 20.16
CA LYS A 96 35.89 -3.61 20.17
C LYS A 96 35.59 -4.95 20.79
N GLY A 97 35.02 -4.92 21.99
CA GLY A 97 34.70 -6.14 22.72
C GLY A 97 33.25 -6.53 22.55
N PHE A 98 32.40 -5.54 22.34
CA PHE A 98 30.97 -5.85 22.16
C PHE A 98 30.30 -4.83 21.26
N LYS A 99 29.12 -5.15 20.78
CA LYS A 99 28.38 -4.24 19.93
C LYS A 99 26.88 -4.43 20.09
N THR A 100 26.13 -3.33 20.09
CA THR A 100 24.69 -3.44 20.24
C THR A 100 23.94 -2.94 19.02
N TRP A 101 22.74 -3.47 18.81
CA TRP A 101 21.85 -3.07 17.72
C TRP A 101 20.39 -3.01 18.15
N LYS A 102 19.71 -1.90 17.85
CA LYS A 102 18.29 -1.78 18.17
C LYS A 102 17.47 -2.51 17.14
N VAL A 103 16.56 -3.36 17.59
CA VAL A 103 15.84 -4.21 16.68
C VAL A 103 14.78 -3.48 15.88
N SER A 104 14.81 -3.71 14.58
CA SER A 104 13.86 -3.15 13.63
C SER A 104 13.90 -3.96 12.35
N LEU A 105 12.94 -3.72 11.45
CA LEU A 105 12.97 -4.35 10.13
C LEU A 105 13.29 -3.32 9.07
N GLN A 106 13.56 -2.11 9.52
CA GLN A 106 13.70 -0.97 8.64
C GLN A 106 15.11 -0.74 8.08
N GLU A 107 16.08 -1.53 8.52
CA GLU A 107 17.47 -1.33 8.11
C GLU A 107 17.77 -1.83 6.69
N MET A 108 17.16 -2.93 6.30
CA MET A 108 17.44 -3.53 5.00
C MET A 108 16.26 -3.32 4.06
N ALA A 109 16.53 -2.74 2.90
CA ALA A 109 15.50 -2.35 1.97
C ALA A 109 14.64 -3.47 1.45
N GLN A 110 15.22 -4.63 1.20
CA GLN A 110 14.42 -5.69 0.60
C GLN A 110 13.32 -6.15 1.51
N ILE A 111 13.63 -6.30 2.77
CA ILE A 111 12.63 -6.72 3.72
C ILE A 111 11.69 -5.61 4.03
N ARG A 112 12.24 -4.44 4.26
CA ARG A 112 11.41 -3.34 4.61
C ARG A 112 10.30 -3.18 3.58
N ARG A 113 10.65 -3.21 2.30
CA ARG A 113 9.69 -3.00 1.25
C ARG A 113 8.61 -4.07 1.21
N LYS A 114 9.00 -5.33 1.41
CA LYS A 114 8.02 -6.41 1.37
C LYS A 114 7.00 -6.30 2.49
N TYR A 115 7.44 -5.88 3.68
CA TYR A 115 6.53 -5.76 4.81
C TYR A 115 5.67 -4.51 4.75
N GLU A 116 6.20 -3.45 4.14
CA GLU A 116 5.48 -2.19 4.01
C GLU A 116 4.59 -2.13 2.78
N LEU A 117 4.33 -3.33 2.30
CA LEU A 117 3.08 -3.50 1.56
C LEU A 117 1.84 -3.60 2.42
N PHE A 118 2.00 -3.70 3.73
CA PHE A 118 0.83 -3.82 4.59
C PHE A 118 0.83 -2.76 5.63
N THR A 119 -0.33 -2.39 6.13
CA THR A 119 -0.37 -1.40 7.16
C THR A 119 -0.09 -2.04 8.50
N TYR A 120 -0.68 -3.21 8.73
CA TYR A 120 -0.49 -3.90 9.99
C TYR A 120 -0.07 -5.32 9.73
N THR A 121 0.82 -5.84 10.54
CA THR A 121 1.21 -7.25 10.41
C THR A 121 1.27 -7.94 11.75
N ARG A 122 1.02 -9.23 11.77
CA ARG A 122 1.12 -10.01 12.98
C ARG A 122 1.81 -11.31 12.70
N PHE A 123 2.89 -11.58 13.39
CA PHE A 123 3.63 -12.80 13.13
C PHE A 123 4.58 -13.14 14.24
N ASP A 124 5.00 -14.39 14.28
CA ASP A 124 6.10 -14.84 15.13
C ASP A 124 7.31 -14.80 14.25
N SER A 125 8.49 -14.81 14.80
CA SER A 125 9.61 -14.84 13.87
C SER A 125 10.79 -15.64 14.32
N GLU A 126 11.53 -16.15 13.35
CA GLU A 126 12.76 -16.83 13.63
C GLU A 126 13.90 -15.94 13.39
N ILE A 127 14.86 -16.01 14.27
CA ILE A 127 16.08 -15.31 14.11
C ILE A 127 17.17 -16.29 13.86
N THR A 128 17.90 -16.10 12.79
CA THR A 128 19.01 -16.98 12.48
C THR A 128 20.25 -16.14 12.37
N ILE A 129 21.31 -16.58 12.99
CA ILE A 129 22.51 -15.77 13.01
C ILE A 129 23.63 -16.39 12.21
N VAL A 130 24.22 -15.60 11.34
CA VAL A 130 25.34 -16.02 10.56
C VAL A 130 26.56 -15.23 10.94
N THR A 131 27.59 -15.90 11.41
CA THR A 131 28.76 -15.22 11.92
C THR A 131 29.99 -15.49 11.11
N ALA A 132 30.72 -14.42 10.82
CA ALA A 132 31.98 -14.51 10.15
C ALA A 132 33.05 -13.85 10.97
N ALA A 133 34.27 -14.32 10.86
CA ALA A 133 35.37 -13.67 11.56
C ALA A 133 36.61 -13.71 10.73
N ALA A 134 37.14 -12.54 10.45
CA ALA A 134 38.28 -12.41 9.60
C ALA A 134 39.53 -12.18 10.40
N ALA A 135 40.35 -13.19 10.51
CA ALA A 135 41.57 -13.05 11.26
C ALA A 135 42.41 -11.99 10.61
N GLN A 136 43.02 -11.13 11.42
CA GLN A 136 43.90 -10.13 10.88
C GLN A 136 45.33 -10.56 11.10
N GLY A 137 45.49 -11.58 11.93
CA GLY A 137 46.79 -12.10 12.29
C GLY A 137 47.04 -13.45 11.68
N ASN A 138 47.79 -14.29 12.38
CA ASN A 138 48.17 -15.60 11.87
C ASN A 138 47.36 -16.73 12.49
N ASP A 139 46.30 -16.38 13.18
CA ASP A 139 45.44 -17.33 13.85
C ASP A 139 44.09 -16.72 14.16
N SER A 140 43.17 -17.55 14.60
CA SER A 140 41.86 -17.09 15.03
C SER A 140 41.69 -17.35 16.51
N GLY A 141 42.57 -18.17 17.05
CA GLY A 141 42.50 -18.53 18.45
C GLY A 141 41.19 -19.22 18.76
N HIS A 142 40.50 -18.75 19.78
CA HIS A 142 39.22 -19.36 20.16
C HIS A 142 38.12 -18.33 20.18
N ILE A 143 37.09 -18.57 19.39
CA ILE A 143 36.01 -17.61 19.27
C ILE A 143 34.72 -18.11 19.82
N VAL A 144 34.24 -17.43 20.84
CA VAL A 144 32.97 -17.72 21.44
C VAL A 144 32.19 -16.43 21.56
N LEU A 145 31.00 -16.40 21.00
CA LEU A 145 30.18 -15.21 21.04
C LEU A 145 28.98 -15.41 21.92
N GLN A 146 28.50 -14.33 22.51
CA GLN A 146 27.25 -14.33 23.23
C GLN A 146 26.31 -13.31 22.66
N PHE A 147 25.11 -13.76 22.31
CA PHE A 147 24.10 -12.90 21.76
C PHE A 147 22.98 -12.76 22.76
N MET A 148 22.85 -11.58 23.33
CA MET A 148 21.86 -11.36 24.36
C MET A 148 20.74 -10.49 23.89
N TYR A 149 19.52 -10.90 24.16
CA TYR A 149 18.39 -10.09 23.80
C TYR A 149 17.93 -9.31 24.99
N VAL A 150 17.88 -8.02 24.84
CA VAL A 150 17.52 -7.15 25.92
C VAL A 150 16.19 -6.43 25.63
N PRO A 151 15.09 -6.83 26.30
CA PRO A 151 13.77 -6.28 26.14
C PRO A 151 13.81 -4.81 26.50
N PRO A 152 12.87 -4.01 26.00
CA PRO A 152 12.76 -2.61 26.30
C PRO A 152 12.70 -2.41 27.80
N GLY A 153 13.44 -1.45 28.29
CA GLY A 153 13.44 -1.11 29.71
C GLY A 153 14.53 -1.86 30.49
N ALA A 154 15.06 -2.91 29.90
CA ALA A 154 16.12 -3.66 30.53
C ALA A 154 17.43 -2.92 30.31
N PRO A 155 18.42 -3.05 31.21
CA PRO A 155 19.71 -2.42 31.10
C PRO A 155 20.48 -2.95 29.92
N VAL A 156 21.25 -2.07 29.30
CA VAL A 156 22.07 -2.40 28.16
C VAL A 156 23.56 -2.32 28.56
N PRO A 157 24.38 -3.32 28.22
CA PRO A 157 25.78 -3.40 28.52
C PRO A 157 26.57 -2.19 28.07
N GLU A 158 27.51 -1.77 28.91
CA GLU A 158 28.41 -0.68 28.60
C GLU A 158 29.82 -1.21 28.40
N LYS A 159 30.10 -2.31 29.06
CA LYS A 159 31.39 -2.98 28.98
C LYS A 159 31.21 -4.45 28.62
N ARG A 160 32.22 -5.04 27.99
CA ARG A 160 32.17 -6.46 27.63
C ARG A 160 31.94 -7.33 28.84
N ASP A 161 32.55 -6.97 29.96
CA ASP A 161 32.40 -7.75 31.20
C ASP A 161 31.42 -7.18 32.23
N ASP A 162 30.44 -6.39 31.79
CA ASP A 162 29.38 -5.93 32.69
C ASP A 162 28.56 -7.05 33.28
N TYR A 163 28.01 -6.79 34.47
CA TYR A 163 27.12 -7.69 35.14
C TYR A 163 25.89 -8.02 34.31
N THR A 164 25.56 -7.16 33.37
CA THR A 164 24.41 -7.36 32.55
C THR A 164 24.50 -8.62 31.70
N TRP A 165 25.71 -9.08 31.44
CA TRP A 165 25.91 -10.24 30.60
C TRP A 165 25.63 -11.54 31.34
N GLN A 166 25.37 -11.42 32.65
CA GLN A 166 25.06 -12.58 33.48
C GLN A 166 23.80 -13.26 33.00
N SER A 167 23.00 -12.54 32.23
CA SER A 167 21.82 -13.09 31.63
C SER A 167 20.88 -13.71 32.63
N GLY A 168 20.65 -13.01 33.73
CA GLY A 168 19.74 -13.50 34.75
C GLY A 168 18.38 -13.82 34.18
N THR A 169 17.77 -12.84 33.52
CA THR A 169 16.46 -13.02 32.92
C THR A 169 16.46 -12.81 31.41
N ASN A 170 17.51 -12.22 30.87
CA ASN A 170 17.58 -11.95 29.45
C ASN A 170 17.93 -13.21 28.71
N ALA A 171 17.27 -13.46 27.59
CA ALA A 171 17.63 -14.61 26.78
C ALA A 171 19.01 -14.43 26.19
N SER A 172 19.81 -15.49 26.19
CA SER A 172 21.12 -15.47 25.57
C SER A 172 21.39 -16.70 24.78
N VAL A 173 22.08 -16.53 23.68
CA VAL A 173 22.52 -17.60 22.85
C VAL A 173 24.01 -17.56 22.68
N PHE A 174 24.65 -18.70 22.85
CA PHE A 174 26.08 -18.76 22.68
C PHE A 174 26.44 -19.48 21.41
N TRP A 175 27.55 -19.06 20.81
CA TRP A 175 28.05 -19.70 19.61
C TRP A 175 29.54 -19.85 19.61
N GLN A 176 30.00 -21.05 19.27
CA GLN A 176 31.42 -21.34 19.16
C GLN A 176 31.80 -21.57 17.72
N GLU A 177 32.99 -21.22 17.34
CA GLU A 177 33.42 -21.53 15.99
C GLU A 177 33.23 -23.02 15.70
N GLY A 178 32.61 -23.33 14.56
CA GLY A 178 32.34 -24.70 14.16
C GLY A 178 30.90 -25.13 14.45
N GLN A 179 30.22 -24.36 15.27
CA GLN A 179 28.84 -24.60 15.63
C GLN A 179 27.90 -24.19 14.48
N PRO A 180 26.84 -24.97 14.19
CA PRO A 180 25.80 -24.65 13.26
C PRO A 180 25.17 -23.33 13.60
N TYR A 181 24.66 -22.66 12.59
CA TYR A 181 24.11 -21.34 12.74
C TYR A 181 23.02 -21.34 13.84
N PRO A 182 23.11 -20.46 14.86
CA PRO A 182 22.16 -20.29 15.92
C PRO A 182 20.80 -19.94 15.39
N ARG A 183 19.77 -20.47 16.02
CA ARG A 183 18.41 -20.14 15.64
C ARG A 183 17.46 -20.18 16.83
N PHE A 184 16.56 -19.21 16.89
CA PHE A 184 15.53 -19.18 17.92
C PHE A 184 14.29 -18.41 17.49
N THR A 185 13.18 -18.65 18.17
CA THR A 185 11.93 -17.98 17.86
C THR A 185 11.54 -16.90 18.86
N ILE A 186 11.10 -15.78 18.33
CA ILE A 186 10.53 -14.71 19.11
C ILE A 186 9.02 -14.65 18.80
N PRO A 187 8.14 -14.91 19.76
CA PRO A 187 6.71 -14.87 19.60
C PRO A 187 6.26 -13.51 19.22
N PHE A 188 5.12 -13.41 18.55
CA PHE A 188 4.56 -12.11 18.30
C PHE A 188 4.61 -11.35 19.56
N MET A 189 5.20 -10.20 19.53
CA MET A 189 5.39 -9.48 20.74
C MET A 189 5.13 -8.04 20.56
N SER A 190 4.11 -7.58 21.24
CA SER A 190 3.66 -6.21 21.17
C SER A 190 2.67 -5.95 22.26
N ILE A 191 2.21 -4.72 22.31
CA ILE A 191 1.18 -4.35 23.23
C ILE A 191 -0.12 -4.12 22.48
N ALA A 192 -0.01 -4.15 21.15
CA ALA A 192 -1.13 -4.04 20.25
C ALA A 192 -1.42 -5.40 19.67
N SER A 193 -2.47 -5.53 18.88
CA SER A 193 -2.78 -6.82 18.29
C SER A 193 -2.01 -7.06 17.02
N ALA A 194 -1.28 -6.06 16.56
CA ALA A 194 -0.50 -6.15 15.35
C ALA A 194 0.62 -5.15 15.38
N TYR A 195 1.65 -5.38 14.60
CA TYR A 195 2.72 -4.43 14.47
C TYR A 195 2.30 -3.33 13.53
N TYR A 196 2.68 -2.14 13.84
CA TYR A 196 2.42 -1.03 12.95
C TYR A 196 3.54 -0.86 11.98
N MET A 197 3.24 -0.94 10.70
CA MET A 197 4.27 -0.71 9.72
C MET A 197 4.39 0.79 9.54
N PHE A 198 3.25 1.46 9.70
CA PHE A 198 3.14 2.91 9.60
C PHE A 198 2.37 3.42 10.80
N TYR A 199 2.63 4.64 11.21
CA TYR A 199 1.85 5.19 12.30
C TYR A 199 1.63 6.66 12.12
N ASP A 200 0.42 7.04 11.89
CA ASP A 200 0.12 8.44 11.66
C ASP A 200 -0.17 9.16 12.97
N GLY A 201 0.83 9.32 13.80
CA GLY A 201 0.59 9.90 15.12
C GLY A 201 1.84 10.26 15.86
N TYR A 202 1.67 10.82 17.05
CA TYR A 202 2.79 11.33 17.82
C TYR A 202 2.92 10.78 19.23
N ASP A 203 4.16 10.85 19.77
CA ASP A 203 4.40 10.61 21.21
C ASP A 203 3.63 11.60 22.08
N GLY A 204 3.55 12.84 21.63
CA GLY A 204 2.89 13.89 22.40
C GLY A 204 2.48 15.06 21.51
N ASP A 205 2.16 16.18 22.13
CA ASP A 205 1.68 17.35 21.41
C ASP A 205 2.82 18.33 21.07
N SER A 206 3.93 18.18 21.77
CA SER A 206 5.04 19.12 21.65
C SER A 206 5.79 19.01 20.32
N ALA A 207 6.52 20.07 19.99
CA ALA A 207 7.31 20.12 18.75
C ALA A 207 8.35 19.02 18.66
N ALA A 208 8.87 18.60 19.80
CA ALA A 208 9.94 17.60 19.84
C ALA A 208 9.41 16.16 19.75
N SER A 209 8.11 15.99 19.70
CA SER A 209 7.52 14.66 19.66
C SER A 209 7.91 13.87 18.43
N LYS A 210 8.14 12.57 18.59
CA LYS A 210 8.43 11.70 17.47
C LYS A 210 7.14 11.39 16.71
N TYR A 211 7.26 11.19 15.39
CA TYR A 211 6.08 10.99 14.53
C TYR A 211 5.90 9.62 13.91
N GLY A 212 6.95 9.02 13.42
CA GLY A 212 6.76 7.82 12.63
C GLY A 212 6.52 6.59 13.48
N SER A 213 6.63 5.42 12.85
CA SER A 213 6.40 4.13 13.51
C SER A 213 7.35 3.88 14.67
N VAL A 214 8.38 4.69 14.77
CA VAL A 214 9.33 4.64 15.84
C VAL A 214 8.65 4.75 17.20
N VAL A 215 7.47 5.37 17.25
CA VAL A 215 6.77 5.56 18.50
C VAL A 215 6.06 4.28 18.94
N THR A 216 5.98 3.29 18.04
CA THR A 216 5.33 2.03 18.34
C THR A 216 6.35 0.91 18.50
N ASN A 217 7.56 1.11 17.98
CA ASN A 217 8.59 0.08 18.02
C ASN A 217 8.90 -0.34 19.44
N ASP A 218 8.64 -1.61 19.72
CA ASP A 218 8.82 -2.17 21.05
C ASP A 218 9.62 -3.47 20.97
N MET A 219 10.54 -3.55 20.02
CA MET A 219 11.28 -4.79 19.79
C MET A 219 12.62 -4.92 20.55
N GLY A 220 12.96 -3.96 21.38
CA GLY A 220 14.18 -4.07 22.21
C GLY A 220 15.47 -4.01 21.42
N THR A 221 16.54 -4.59 21.97
CA THR A 221 17.87 -4.52 21.37
C THR A 221 18.65 -5.83 21.52
N ILE A 222 19.56 -6.07 20.59
CA ILE A 222 20.44 -7.23 20.64
C ILE A 222 21.86 -6.81 20.94
N CYS A 223 22.43 -7.43 21.94
CA CYS A 223 23.76 -7.11 22.37
C CYS A 223 24.67 -8.28 22.14
N VAL A 224 25.78 -8.07 21.46
CA VAL A 224 26.65 -9.19 21.19
C VAL A 224 28.04 -8.93 21.70
N ARG A 225 28.63 -9.90 22.36
CA ARG A 225 29.99 -9.73 22.83
C ARG A 225 30.86 -10.88 22.52
N ILE A 226 32.16 -10.62 22.57
CA ILE A 226 33.15 -11.67 22.41
C ILE A 226 33.30 -12.18 23.84
N VAL A 227 32.98 -13.45 24.05
CA VAL A 227 33.01 -14.02 25.38
C VAL A 227 34.43 -14.20 25.87
N THR A 228 35.31 -14.59 24.98
CA THR A 228 36.68 -14.84 25.36
C THR A 228 37.42 -13.55 25.64
N SER A 229 38.54 -13.66 26.34
CA SER A 229 39.38 -12.52 26.70
C SER A 229 40.23 -12.11 25.53
N ASN A 230 40.99 -11.05 25.71
CA ASN A 230 41.84 -10.56 24.64
C ASN A 230 42.84 -11.62 24.22
N GLN A 231 43.07 -11.74 22.92
CA GLN A 231 44.00 -12.72 22.38
C GLN A 231 45.04 -12.05 21.52
N LYS A 232 46.17 -12.70 21.32
CA LYS A 232 47.27 -12.13 20.54
C LYS A 232 46.90 -11.68 19.13
N HIS A 233 46.07 -12.45 18.45
CA HIS A 233 45.74 -12.14 17.08
C HIS A 233 44.37 -11.48 16.95
N ASP A 234 44.38 -10.22 16.55
CA ASP A 234 43.16 -9.43 16.39
C ASP A 234 42.28 -10.04 15.30
N SER A 235 40.95 -9.90 15.43
CA SER A 235 40.04 -10.34 14.39
C SER A 235 38.87 -9.38 14.21
N ASN A 236 38.36 -9.31 12.97
CA ASN A 236 37.19 -8.51 12.65
C ASN A 236 35.97 -9.41 12.54
N ILE A 237 35.00 -9.16 13.37
CA ILE A 237 33.84 -10.04 13.44
C ILE A 237 32.61 -9.37 12.95
N VAL A 238 31.91 -10.07 12.08
CA VAL A 238 30.68 -9.56 11.53
C VAL A 238 29.57 -10.55 11.71
N CYS A 239 28.49 -10.11 12.33
CA CYS A 239 27.36 -10.98 12.51
C CYS A 239 26.22 -10.49 11.69
N ARG A 240 25.56 -11.39 11.00
CA ARG A 240 24.41 -11.04 10.21
C ARG A 240 23.20 -11.69 10.77
N ILE A 241 22.15 -10.92 10.87
CA ILE A 241 20.93 -11.42 11.43
C ILE A 241 19.89 -11.56 10.38
N TYR A 242 19.34 -12.75 10.28
CA TYR A 242 18.32 -13.07 9.33
C TYR A 242 17.02 -13.25 10.03
N HIS A 243 15.94 -12.90 9.37
CA HIS A 243 14.63 -12.95 9.95
C HIS A 243 13.63 -13.65 9.07
N LYS A 244 12.81 -14.50 9.68
CA LYS A 244 11.74 -15.20 8.97
C LYS A 244 10.44 -15.14 9.72
N ALA A 245 9.42 -14.60 9.10
CA ALA A 245 8.12 -14.51 9.76
C ALA A 245 7.36 -15.83 9.65
N LYS A 246 6.63 -16.17 10.70
CA LYS A 246 5.80 -17.38 10.72
C LYS A 246 4.41 -17.07 11.22
N HIS A 247 3.42 -17.85 10.78
CA HIS A 247 2.06 -17.68 11.30
C HIS A 247 1.64 -16.26 11.04
N ILE A 248 1.69 -15.87 9.77
CA ILE A 248 1.59 -14.50 9.39
C ILE A 248 0.22 -14.03 9.00
N LYS A 249 -0.21 -12.96 9.61
CA LYS A 249 -1.43 -12.29 9.23
C LYS A 249 -1.09 -10.87 8.82
N ALA A 250 -1.85 -10.32 7.91
CA ALA A 250 -1.58 -8.95 7.48
C ALA A 250 -2.84 -8.26 7.08
N TRP A 251 -2.88 -6.95 7.29
CA TRP A 251 -4.06 -6.16 6.98
C TRP A 251 -3.75 -4.89 6.21
N CYS A 252 -4.75 -4.48 5.42
CA CYS A 252 -4.77 -3.20 4.73
C CYS A 252 -3.56 -2.98 3.84
N PRO A 253 -3.62 -3.46 2.58
CA PRO A 253 -2.61 -3.35 1.57
C PRO A 253 -2.25 -1.93 1.28
N ARG A 254 -1.01 -1.70 0.96
CA ARG A 254 -0.51 -0.39 0.62
C ARG A 254 0.25 -0.48 -0.69
N PRO A 255 0.42 0.63 -1.42
CA PRO A 255 1.28 0.73 -2.55
C PRO A 255 2.72 0.43 -2.12
N PRO A 256 3.52 -0.16 -2.99
CA PRO A 256 4.92 -0.41 -2.80
C PRO A 256 5.70 0.88 -2.85
N ARG A 257 6.83 0.91 -2.17
CA ARG A 257 7.70 2.08 -2.18
C ARG A 257 8.26 2.32 -3.58
N ALA A 258 8.09 3.56 -4.09
CA ALA A 258 8.54 3.93 -5.43
C ALA A 258 9.93 4.50 -5.44
N VAL A 259 10.28 5.19 -4.38
CA VAL A 259 11.56 5.88 -4.30
C VAL A 259 12.42 5.29 -3.20
N ALA A 260 13.72 5.50 -3.28
CA ALA A 260 14.64 4.91 -2.33
C ALA A 260 14.34 5.34 -0.91
N TYR A 261 14.58 4.44 0.04
CA TYR A 261 14.43 4.78 1.46
C TYR A 261 15.59 5.65 1.87
N GLN A 262 15.33 6.63 2.74
CA GLN A 262 16.41 7.48 3.21
C GLN A 262 16.77 7.23 4.66
N HIS A 263 15.77 7.01 5.50
CA HIS A 263 16.00 6.90 6.94
C HIS A 263 15.17 5.80 7.58
N THR A 264 15.69 5.27 8.68
CA THR A 264 15.01 4.27 9.48
C THR A 264 13.74 4.86 10.14
N HIS A 265 12.62 4.13 10.06
CA HIS A 265 11.34 4.55 10.63
C HIS A 265 10.86 5.90 10.12
N SER A 266 11.00 6.13 8.83
CA SER A 266 10.57 7.36 8.23
C SER A 266 10.18 7.15 6.80
N THR A 267 9.25 7.97 6.33
CA THR A 267 8.83 7.91 4.96
C THR A 267 9.54 8.96 4.12
N ASN A 268 10.43 9.74 4.74
CA ASN A 268 11.14 10.77 4.00
C ASN A 268 11.78 10.14 2.78
N TYR A 269 11.67 10.83 1.65
CA TYR A 269 12.23 10.32 0.42
C TYR A 269 13.10 11.30 -0.29
N ILE A 270 13.27 12.45 0.29
CA ILE A 270 14.05 13.46 -0.34
C ILE A 270 15.55 13.22 -0.11
N PRO A 271 16.37 13.18 -1.19
CA PRO A 271 17.79 12.98 -1.22
C PRO A 271 18.51 14.00 -0.40
N SER A 272 19.75 13.69 -0.04
CA SER A 272 20.54 14.55 0.79
C SER A 272 20.90 15.83 0.06
N ASN A 273 21.38 16.83 0.80
CA ASN A 273 21.72 18.10 0.19
C ASN A 273 22.76 17.93 -0.92
N GLY A 274 22.46 18.50 -2.09
CA GLY A 274 23.35 18.42 -3.24
C GLY A 274 23.07 17.18 -4.10
N GLU A 275 22.25 16.26 -3.59
CA GLU A 275 21.92 15.04 -4.28
C GLU A 275 20.72 15.26 -5.18
N ALA A 276 20.77 14.73 -6.39
CA ALA A 276 19.70 14.92 -7.35
C ALA A 276 18.38 14.40 -6.83
N THR A 277 17.30 15.09 -7.21
CA THR A 277 15.96 14.73 -6.82
C THR A 277 15.72 13.24 -7.06
N THR A 278 15.08 12.59 -6.10
CA THR A 278 14.87 11.16 -6.15
C THR A 278 14.18 10.71 -7.40
N GLN A 279 14.63 9.56 -7.89
CA GLN A 279 14.09 8.97 -9.08
C GLN A 279 13.17 7.81 -8.77
N ILE A 280 12.40 7.44 -9.77
CA ILE A 280 11.49 6.31 -9.73
C ILE A 280 11.86 5.38 -10.87
N LYS A 281 11.20 4.24 -10.95
CA LYS A 281 11.52 3.30 -12.01
C LYS A 281 10.75 3.55 -13.30
N THR A 282 9.88 4.55 -13.32
CA THR A 282 9.17 4.84 -14.54
C THR A 282 10.11 5.44 -15.55
N ARG A 283 10.29 4.78 -16.68
CA ARG A 283 11.21 5.27 -17.69
C ARG A 283 10.48 6.07 -18.77
N PRO A 284 11.07 7.18 -19.26
CA PRO A 284 10.66 7.91 -20.43
C PRO A 284 10.67 7.05 -21.67
N ASP A 285 9.74 7.30 -22.56
CA ASP A 285 9.64 6.61 -23.81
C ASP A 285 9.93 7.55 -24.96
N SER B 10 -34.40 4.89 -8.85
CA SER B 10 -33.20 5.05 -9.66
C SER B 10 -31.94 4.83 -8.88
N ASP B 11 -31.04 4.08 -9.48
CA ASP B 11 -29.77 3.76 -8.87
C ASP B 11 -28.87 4.98 -8.69
N ARG B 12 -29.21 6.07 -9.36
CA ARG B 12 -28.39 7.28 -9.28
C ARG B 12 -28.75 8.14 -8.07
N LEU B 13 -29.82 7.78 -7.37
CA LEU B 13 -30.25 8.56 -6.22
C LEU B 13 -29.73 8.01 -4.92
N ILE B 14 -29.45 8.89 -3.98
CA ILE B 14 -29.08 8.45 -2.65
C ILE B 14 -29.60 9.40 -1.61
N GLN B 15 -29.93 8.86 -0.46
CA GLN B 15 -30.22 9.66 0.71
C GLN B 15 -29.62 9.03 1.92
N ILE B 16 -28.85 9.81 2.65
CA ILE B 16 -28.25 9.31 3.86
C ILE B 16 -28.68 10.15 5.03
N THR B 17 -29.25 9.52 6.03
CA THR B 17 -29.66 10.24 7.22
C THR B 17 -28.85 9.82 8.42
N ARG B 18 -28.33 10.80 9.12
CA ARG B 18 -27.51 10.62 10.29
C ARG B 18 -27.97 11.53 11.38
N GLY B 19 -28.68 11.00 12.32
CA GLY B 19 -29.24 11.82 13.36
C GLY B 19 -30.17 12.86 12.78
N ASP B 20 -29.94 14.11 13.12
CA ASP B 20 -30.77 15.20 12.66
C ASP B 20 -30.35 15.77 11.30
N SER B 21 -29.37 15.14 10.64
CA SER B 21 -28.91 15.64 9.36
C SER B 21 -29.17 14.68 8.22
N THR B 22 -29.40 15.23 7.03
CA THR B 22 -29.62 14.43 5.84
C THR B 22 -28.87 14.96 4.64
N ILE B 23 -28.26 14.06 3.90
CA ILE B 23 -27.63 14.41 2.64
C ILE B 23 -28.20 13.64 1.49
N THR B 24 -28.48 14.34 0.41
CA THR B 24 -29.00 13.72 -0.77
C THR B 24 -28.14 14.02 -1.97
N SER B 25 -28.23 13.16 -2.96
CA SER B 25 -27.59 13.39 -4.24
C SER B 25 -28.37 12.73 -5.32
N GLN B 26 -28.44 13.39 -6.46
CA GLN B 26 -29.17 12.85 -7.57
C GLN B 26 -28.29 12.30 -8.65
N ASP B 27 -26.99 12.22 -8.41
CA ASP B 27 -26.11 11.75 -9.46
C ASP B 27 -24.87 11.07 -8.88
N THR B 28 -25.08 9.89 -8.28
CA THR B 28 -24.04 9.17 -7.56
C THR B 28 -23.43 8.03 -8.37
N ALA B 29 -22.44 7.39 -7.77
CA ALA B 29 -21.76 6.23 -8.36
C ALA B 29 -21.72 5.11 -7.33
N ASN B 30 -22.89 4.75 -6.82
CA ASN B 30 -23.06 3.81 -5.72
C ASN B 30 -22.34 4.29 -4.47
N ALA B 31 -21.61 3.40 -3.82
CA ALA B 31 -20.89 3.73 -2.59
C ALA B 31 -19.85 2.69 -2.32
N VAL B 32 -18.86 3.05 -1.54
CA VAL B 32 -17.83 2.10 -1.16
C VAL B 32 -17.74 1.92 0.32
N VAL B 33 -17.80 0.68 0.76
CA VAL B 33 -17.61 0.37 2.16
C VAL B 33 -16.24 -0.22 2.30
N ALA B 34 -15.36 0.49 2.98
CA ALA B 34 -13.99 0.08 3.00
C ALA B 34 -13.85 -1.31 3.52
N TYR B 35 -13.12 -2.12 2.78
CA TYR B 35 -12.81 -3.48 3.13
C TYR B 35 -14.05 -4.36 3.31
N GLY B 36 -15.22 -3.86 2.91
CA GLY B 36 -16.43 -4.63 2.98
C GLY B 36 -16.98 -4.72 4.40
N VAL B 37 -16.45 -3.91 5.30
CA VAL B 37 -16.87 -3.97 6.69
C VAL B 37 -17.67 -2.76 7.12
N TRP B 38 -18.89 -2.99 7.54
CA TRP B 38 -19.73 -1.93 8.04
C TRP B 38 -19.29 -1.57 9.48
N PRO B 39 -19.22 -0.28 9.85
CA PRO B 39 -18.92 0.21 11.17
C PRO B 39 -19.83 -0.38 12.23
N SER B 40 -19.29 -0.59 13.44
CA SER B 40 -20.08 -1.11 14.56
C SER B 40 -19.40 -0.78 15.89
N TYR B 41 -20.12 -0.99 16.99
CA TYR B 41 -19.59 -0.77 18.35
C TYR B 41 -18.58 -1.84 18.76
N LEU B 42 -17.65 -1.47 19.63
CA LEU B 42 -16.64 -2.40 20.16
C LEU B 42 -17.26 -3.55 20.94
N THR B 43 -16.86 -4.78 20.63
CA THR B 43 -17.44 -5.93 21.33
C THR B 43 -16.62 -6.25 22.60
N PRO B 44 -17.19 -7.00 23.56
CA PRO B 44 -16.55 -7.51 24.77
C PRO B 44 -15.34 -8.37 24.50
N ASP B 45 -15.26 -8.93 23.30
CA ASP B 45 -14.17 -9.80 22.95
C ASP B 45 -12.95 -9.03 22.46
N ASP B 46 -13.15 -7.77 22.10
CA ASP B 46 -12.08 -6.95 21.60
C ASP B 46 -11.61 -6.00 22.68
N ALA B 47 -12.54 -5.54 23.50
CA ALA B 47 -12.30 -4.48 24.45
C ALA B 47 -11.25 -4.82 25.48
N THR B 48 -10.47 -3.80 25.86
CA THR B 48 -9.48 -3.92 26.92
C THR B 48 -9.74 -2.95 28.07
N ALA B 49 -10.41 -1.85 27.78
CA ALA B 49 -10.72 -0.86 28.80
C ALA B 49 -11.84 -1.39 29.65
N ILE B 50 -11.91 -0.98 30.90
CA ILE B 50 -12.99 -1.47 31.74
C ILE B 50 -14.04 -0.42 32.06
N ASP B 51 -13.78 0.82 31.66
CA ASP B 51 -14.79 1.85 31.83
C ASP B 51 -15.98 1.53 30.98
N LYS B 52 -17.16 1.86 31.44
CA LYS B 52 -18.30 1.76 30.58
C LYS B 52 -18.18 2.92 29.58
N PRO B 53 -18.21 2.68 28.26
CA PRO B 53 -18.06 3.67 27.25
C PRO B 53 -19.23 4.58 27.14
N THR B 54 -18.99 5.77 26.67
CA THR B 54 -20.01 6.73 26.36
C THR B 54 -20.41 6.59 24.93
N GLN B 55 -21.70 6.55 24.68
CA GLN B 55 -22.24 6.42 23.33
C GLN B 55 -23.23 7.54 23.05
N PRO B 56 -22.75 8.73 22.61
CA PRO B 56 -23.49 9.96 22.41
C PRO B 56 -24.62 9.80 21.39
N ASP B 57 -24.52 8.76 20.57
CA ASP B 57 -25.51 8.47 19.58
C ASP B 57 -25.79 9.68 18.69
N THR B 58 -27.08 10.00 18.52
CA THR B 58 -27.56 11.08 17.69
C THR B 58 -26.82 12.39 17.82
N SER B 59 -26.41 12.75 19.02
CA SER B 59 -25.81 14.06 19.22
C SER B 59 -24.42 14.16 18.61
N SER B 60 -23.81 13.04 18.28
CA SER B 60 -22.46 12.98 17.74
C SER B 60 -22.47 12.49 16.32
N ASN B 61 -23.22 11.44 16.07
CA ASN B 61 -23.21 10.76 14.78
C ASN B 61 -24.08 11.51 13.77
N ARG B 62 -23.64 12.70 13.39
CA ARG B 62 -24.38 13.49 12.42
C ARG B 62 -23.39 14.05 11.42
N PHE B 63 -23.88 14.59 10.31
CA PHE B 63 -22.95 15.13 9.32
C PHE B 63 -22.45 16.47 9.72
N TYR B 64 -21.16 16.67 9.53
CA TYR B 64 -20.56 17.96 9.72
C TYR B 64 -19.91 18.38 8.42
N THR B 65 -19.97 19.65 8.11
CA THR B 65 -19.39 20.10 6.84
C THR B 65 -18.13 20.88 7.03
N LEU B 66 -17.13 20.52 6.27
CA LEU B 66 -15.83 21.14 6.35
C LEU B 66 -15.77 22.31 5.39
N ASP B 67 -14.90 23.28 5.66
CA ASP B 67 -14.80 24.42 4.76
C ASP B 67 -14.56 23.95 3.34
N SER B 68 -15.31 24.50 2.40
CA SER B 68 -15.17 24.11 1.01
C SER B 68 -13.93 24.73 0.39
N ARG B 69 -13.47 24.16 -0.71
CA ARG B 69 -12.35 24.73 -1.43
C ARG B 69 -12.58 24.78 -2.93
N SER B 70 -11.95 25.73 -3.60
CA SER B 70 -12.15 25.88 -5.04
C SER B 70 -11.24 25.00 -5.86
N TRP B 71 -11.82 24.34 -6.85
CA TRP B 71 -11.10 23.54 -7.80
C TRP B 71 -10.93 24.30 -9.08
N THR B 72 -9.70 24.63 -9.40
CA THR B 72 -9.42 25.40 -10.58
C THR B 72 -8.52 24.60 -11.47
N SER B 73 -8.21 25.15 -12.63
CA SER B 73 -7.32 24.50 -13.56
C SER B 73 -5.89 24.34 -13.00
N ALA B 74 -5.55 25.07 -11.94
CA ALA B 74 -4.21 25.00 -11.37
C ALA B 74 -4.13 24.21 -10.06
N SER B 75 -5.24 23.63 -9.61
CA SER B 75 -5.23 22.92 -8.33
C SER B 75 -4.35 21.67 -8.37
N SER B 76 -3.69 21.37 -7.25
CA SER B 76 -2.84 20.17 -7.17
C SER B 76 -3.36 19.09 -6.22
N GLY B 77 -4.42 19.39 -5.50
CA GLY B 77 -4.99 18.42 -4.57
C GLY B 77 -5.18 18.96 -3.16
N TRP B 78 -5.97 18.24 -2.37
CA TRP B 78 -6.29 18.63 -1.01
C TRP B 78 -6.26 17.44 -0.07
N TRP B 79 -6.02 17.69 1.21
CA TRP B 79 -6.24 16.62 2.17
C TRP B 79 -6.65 17.04 3.57
N TRP B 80 -7.33 16.11 4.25
CA TRP B 80 -7.81 16.25 5.63
C TRP B 80 -7.45 15.02 6.44
N LYS B 81 -7.31 15.18 7.75
CA LYS B 81 -7.01 14.03 8.60
C LYS B 81 -8.20 13.77 9.54
N LEU B 82 -8.51 12.50 9.78
CA LEU B 82 -9.54 12.14 10.74
C LEU B 82 -8.96 11.41 11.92
N PRO B 83 -9.46 11.69 13.13
CA PRO B 83 -10.57 12.56 13.50
C PRO B 83 -10.23 14.04 13.63
N ASP B 84 -9.00 14.43 13.31
CA ASP B 84 -8.59 15.83 13.51
C ASP B 84 -9.56 16.83 12.90
N ALA B 85 -10.03 16.54 11.71
CA ALA B 85 -10.89 17.46 10.98
C ALA B 85 -12.18 17.76 11.71
N LEU B 86 -12.59 16.89 12.62
CA LEU B 86 -13.83 17.07 13.30
C LEU B 86 -13.65 17.57 14.75
N LYS B 87 -12.44 17.95 15.12
CA LYS B 87 -12.17 18.30 16.51
C LYS B 87 -12.97 19.50 17.05
N ASN B 88 -13.45 20.39 16.19
CA ASN B 88 -14.27 21.49 16.68
C ASN B 88 -15.73 21.31 16.28
N MET B 89 -16.07 20.13 15.82
CA MET B 89 -17.41 19.89 15.34
C MET B 89 -18.39 19.49 16.41
N GLY B 90 -18.87 20.48 17.14
CA GLY B 90 -19.91 20.29 18.14
C GLY B 90 -19.57 19.25 19.19
N ILE B 91 -20.52 18.36 19.42
CA ILE B 91 -20.39 17.32 20.44
C ILE B 91 -19.31 16.32 20.16
N PHE B 92 -19.16 15.90 18.92
CA PHE B 92 -18.10 14.98 18.61
C PHE B 92 -16.80 15.60 19.02
N GLY B 93 -16.63 16.85 18.60
CA GLY B 93 -15.45 17.60 18.91
C GLY B 93 -15.20 17.67 20.40
N GLU B 94 -16.18 18.10 21.17
CA GLU B 94 -15.96 18.25 22.59
C GLU B 94 -15.62 16.94 23.25
N ASN B 95 -16.25 15.86 22.82
CA ASN B 95 -15.96 14.58 23.42
C ASN B 95 -14.51 14.18 23.20
N MET B 96 -13.93 14.60 22.07
CA MET B 96 -12.52 14.31 21.82
C MET B 96 -11.61 14.97 22.85
N PHE B 97 -11.99 16.15 23.33
CA PHE B 97 -11.13 16.86 24.27
C PHE B 97 -11.37 16.47 25.72
N TYR B 98 -12.52 15.87 25.99
CA TYR B 98 -12.84 15.46 27.36
C TYR B 98 -12.60 14.00 27.66
N HIS B 99 -12.05 13.25 26.72
CA HIS B 99 -11.82 11.84 26.95
C HIS B 99 -10.45 11.41 26.53
N PHE B 100 -9.92 10.44 27.23
CA PHE B 100 -8.65 9.86 26.89
C PHE B 100 -8.73 9.02 25.62
N LEU B 101 -9.72 8.14 25.53
CA LEU B 101 -9.86 7.25 24.40
C LEU B 101 -11.09 7.51 23.58
N GLY B 102 -11.04 7.13 22.32
CA GLY B 102 -12.22 7.18 21.49
C GLY B 102 -12.12 6.25 20.30
N ARG B 103 -13.25 6.01 19.68
CA ARG B 103 -13.36 5.09 18.58
C ARG B 103 -14.52 5.47 17.68
N SER B 104 -14.34 5.47 16.37
CA SER B 104 -15.48 5.73 15.49
C SER B 104 -15.24 5.32 14.06
N GLY B 105 -16.32 5.12 13.31
CA GLY B 105 -16.24 4.97 11.87
C GLY B 105 -16.68 6.26 11.24
N TYR B 106 -16.69 6.32 9.93
CA TYR B 106 -17.12 7.54 9.27
C TYR B 106 -17.94 7.32 8.02
N THR B 107 -18.79 8.28 7.72
CA THR B 107 -19.37 8.40 6.39
C THR B 107 -18.84 9.66 5.78
N ILE B 108 -18.14 9.53 4.68
CA ILE B 108 -17.56 10.69 4.03
C ILE B 108 -18.22 10.91 2.73
N HIS B 109 -18.76 12.09 2.55
CA HIS B 109 -19.45 12.44 1.34
C HIS B 109 -18.80 13.66 0.71
N VAL B 110 -18.31 13.49 -0.51
CA VAL B 110 -17.62 14.57 -1.21
C VAL B 110 -18.47 15.05 -2.35
N GLN B 111 -18.72 16.35 -2.40
CA GLN B 111 -19.60 16.91 -3.42
C GLN B 111 -18.88 17.85 -4.37
N CYS B 112 -19.25 17.77 -5.63
CA CYS B 112 -18.66 18.62 -6.65
C CYS B 112 -19.59 18.77 -7.86
N ASN B 113 -20.15 19.97 -8.06
CA ASN B 113 -21.13 20.21 -9.13
C ASN B 113 -20.47 20.65 -10.41
N SER B 114 -21.12 20.39 -11.54
CA SER B 114 -20.64 20.85 -12.83
C SER B 114 -21.72 20.75 -13.88
N SER B 115 -21.48 21.33 -15.05
CA SER B 115 -22.42 21.20 -16.15
C SER B 115 -21.95 20.10 -17.08
N LYS B 116 -22.70 19.87 -18.13
CA LYS B 116 -22.35 18.85 -19.11
C LYS B 116 -21.23 19.30 -20.03
N PHE B 117 -20.80 20.54 -19.86
CA PHE B 117 -19.75 21.12 -20.66
C PHE B 117 -18.45 21.25 -19.88
N HIS B 118 -18.40 20.66 -18.68
CA HIS B 118 -17.19 20.66 -17.88
C HIS B 118 -16.44 19.33 -18.01
N GLN B 119 -15.12 19.38 -17.90
CA GLN B 119 -14.31 18.16 -17.89
C GLN B 119 -13.45 18.11 -16.65
N GLY B 120 -13.13 16.92 -16.20
CA GLY B 120 -12.19 16.78 -15.10
C GLY B 120 -12.42 15.50 -14.32
N LEU B 121 -11.38 15.07 -13.58
CA LEU B 121 -11.47 13.85 -12.78
C LEU B 121 -10.73 13.98 -11.46
N LEU B 122 -11.46 13.73 -10.37
CA LEU B 122 -10.87 13.69 -9.04
C LEU B 122 -10.80 12.27 -8.57
N ILE B 123 -9.77 11.93 -7.84
CA ILE B 123 -9.80 10.68 -7.11
C ILE B 123 -9.90 10.97 -5.65
N VAL B 124 -10.82 10.31 -4.99
CA VAL B 124 -11.03 10.49 -3.59
C VAL B 124 -10.63 9.23 -2.87
N ALA B 125 -9.70 9.31 -1.94
CA ALA B 125 -9.23 8.11 -1.29
C ALA B 125 -9.13 8.27 0.20
N ALA B 126 -9.36 7.17 0.91
CA ALA B 126 -9.20 7.11 2.35
C ALA B 126 -8.03 6.23 2.72
N ILE B 127 -6.95 6.84 3.19
CA ILE B 127 -5.73 6.12 3.46
C ILE B 127 -5.51 5.90 4.95
N PRO B 128 -5.44 4.64 5.43
CA PRO B 128 -5.19 4.32 6.81
C PRO B 128 -3.73 4.58 7.15
N GLU B 129 -3.49 5.09 8.34
CA GLU B 129 -2.12 5.33 8.81
C GLU B 129 -1.26 6.07 7.78
N HIS B 130 -1.79 7.15 7.22
CA HIS B 130 -1.07 7.88 6.18
C HIS B 130 0.08 8.68 6.75
N GLN B 131 1.17 8.00 7.02
CA GLN B 131 2.34 8.64 7.59
C GLN B 131 3.02 9.50 6.54
N LEU B 132 3.07 10.80 6.77
CA LEU B 132 3.56 11.75 5.77
C LEU B 132 5.06 11.88 5.73
N ALA B 133 5.60 12.09 4.54
CA ALA B 133 7.00 12.43 4.37
C ALA B 133 7.18 13.92 4.49
N SER B 134 8.31 14.35 5.01
CA SER B 134 8.58 15.77 5.11
C SER B 134 8.97 16.32 3.78
N ALA B 135 9.00 17.63 3.69
CA ALA B 135 9.42 18.32 2.48
C ALA B 135 10.93 18.58 2.44
N THR B 136 11.69 18.05 3.39
CA THR B 136 13.12 18.34 3.45
C THR B 136 14.04 17.13 3.30
N SER B 137 15.33 17.42 3.13
CA SER B 137 16.37 16.41 2.89
C SER B 137 16.90 15.66 4.11
N GLY B 138 16.55 16.12 5.28
CA GLY B 138 17.08 15.52 6.50
C GLY B 138 16.17 14.45 7.08
N ASN B 139 16.40 14.13 8.34
CA ASN B 139 15.62 13.12 9.04
C ASN B 139 14.58 13.75 9.93
N VAL B 140 14.24 14.99 9.63
CA VAL B 140 13.25 15.73 10.39
C VAL B 140 11.86 15.30 9.98
N SER B 141 11.04 14.96 10.97
CA SER B 141 9.68 14.54 10.73
C SER B 141 8.74 15.73 10.59
N VAL B 142 7.53 15.46 10.15
CA VAL B 142 6.53 16.48 10.00
C VAL B 142 6.03 16.94 11.37
N GLY B 143 5.95 18.25 11.57
CA GLY B 143 5.53 18.82 12.85
C GLY B 143 4.07 18.55 13.17
N TYR B 144 3.75 18.53 14.46
CA TYR B 144 2.39 18.27 14.91
C TYR B 144 1.41 19.21 14.25
N ASN B 145 1.73 20.48 14.24
CA ASN B 145 0.84 21.50 13.71
C ASN B 145 0.51 21.31 12.22
N HIS B 146 1.37 20.62 11.50
CA HIS B 146 1.17 20.46 10.08
C HIS B 146 0.41 19.20 9.73
N THR B 147 0.13 18.37 10.72
CA THR B 147 -0.62 17.15 10.50
C THR B 147 -1.97 17.30 11.10
N HIS B 148 -2.19 18.44 11.71
CA HIS B 148 -3.43 18.77 12.39
C HIS B 148 -4.01 20.13 11.96
N PRO B 149 -4.38 20.28 10.65
CA PRO B 149 -4.94 21.47 10.02
C PRO B 149 -6.41 21.70 10.39
N GLY B 150 -7.02 20.75 11.06
CA GLY B 150 -8.41 20.89 11.43
C GLY B 150 -9.33 20.88 10.22
N GLU B 151 -10.40 21.62 10.35
CA GLU B 151 -11.50 21.64 9.40
C GLU B 151 -11.10 22.10 8.02
N GLN B 152 -9.99 22.80 7.90
CA GLN B 152 -9.62 23.35 6.62
C GLN B 152 -8.70 22.46 5.82
N GLY B 153 -8.19 21.41 6.43
CA GLY B 153 -7.23 20.57 5.75
C GLY B 153 -6.15 21.45 5.18
N ARG B 154 -5.55 21.03 4.10
CA ARG B 154 -4.65 21.93 3.41
C ARG B 154 -4.54 21.65 1.95
N GLU B 155 -4.13 22.67 1.21
CA GLU B 155 -3.95 22.56 -0.21
C GLU B 155 -2.57 22.14 -0.55
N VAL B 156 -2.46 21.39 -1.60
CA VAL B 156 -1.19 21.03 -2.14
C VAL B 156 -0.73 22.12 -3.06
N VAL B 157 0.48 22.58 -2.87
CA VAL B 157 1.01 23.63 -3.70
C VAL B 157 2.22 23.10 -4.47
N PRO B 158 2.28 23.26 -5.82
CA PRO B 158 3.35 22.78 -6.67
C PRO B 158 4.73 23.08 -6.11
N SER B 159 4.88 24.23 -5.49
CA SER B 159 6.10 24.60 -4.83
C SER B 159 5.84 25.64 -3.77
N ARG B 160 6.62 25.61 -2.71
CA ARG B 160 6.50 26.58 -1.64
C ARG B 160 7.85 27.15 -1.28
N THR B 161 7.85 28.34 -0.72
CA THR B 161 9.07 28.90 -0.18
C THR B 161 8.94 29.03 1.32
N SER B 162 9.76 28.29 2.05
CA SER B 162 9.70 28.29 3.50
C SER B 162 10.92 27.67 4.12
N SER B 163 11.31 28.18 5.27
CA SER B 163 12.39 27.61 6.08
C SER B 163 11.85 26.59 7.07
N ASP B 164 10.55 26.38 7.07
CA ASP B 164 9.94 25.50 8.02
C ASP B 164 10.14 24.05 7.64
N ASN B 165 11.19 23.45 8.20
CA ASN B 165 11.56 22.08 7.88
C ASN B 165 10.63 21.04 8.52
N LYS B 166 9.58 21.51 9.18
CA LYS B 166 8.59 20.63 9.75
C LYS B 166 7.44 20.40 8.77
N ARG B 167 7.42 21.14 7.67
CA ARG B 167 6.30 21.04 6.75
C ARG B 167 6.38 19.73 5.94
N PRO B 168 5.22 19.14 5.57
CA PRO B 168 5.04 17.96 4.75
C PRO B 168 5.31 18.20 3.29
N SER B 169 5.58 17.12 2.57
CA SER B 169 5.74 17.13 1.13
C SER B 169 4.48 17.52 0.36
N ASP B 170 4.69 18.22 -0.77
CA ASP B 170 3.60 18.60 -1.70
C ASP B 170 3.53 17.66 -2.91
N ASP B 171 4.29 16.58 -2.91
CA ASP B 171 4.32 15.70 -4.07
C ASP B 171 3.15 14.76 -4.14
N SER B 172 2.04 15.27 -4.66
CA SER B 172 0.83 14.46 -4.76
C SER B 172 1.05 13.25 -5.67
N TRP B 173 1.96 13.39 -6.63
CA TRP B 173 2.28 12.30 -7.55
C TRP B 173 2.96 11.14 -6.84
N LEU B 174 3.49 11.40 -5.63
CA LEU B 174 4.10 10.36 -4.77
C LEU B 174 3.28 10.15 -3.50
N ASN B 175 2.02 10.59 -3.52
CA ASN B 175 1.11 10.41 -2.39
C ASN B 175 1.64 11.02 -1.11
N PHE B 176 2.50 12.00 -1.23
CA PHE B 176 3.11 12.68 -0.10
C PHE B 176 3.89 11.72 0.82
N ASP B 177 4.21 10.50 0.35
CA ASP B 177 4.93 9.54 1.21
C ASP B 177 5.92 8.63 0.45
N GLY B 178 6.13 8.86 -0.83
CA GLY B 178 7.14 8.08 -1.57
C GLY B 178 6.57 6.92 -2.39
N THR B 179 5.26 6.90 -2.57
CA THR B 179 4.62 5.86 -3.38
C THR B 179 3.91 6.48 -4.56
N LEU B 180 3.93 5.83 -5.71
CA LEU B 180 3.29 6.41 -6.89
C LEU B 180 1.80 6.53 -6.78
N LEU B 181 1.29 7.67 -7.24
CA LEU B 181 -0.12 7.98 -7.30
C LEU B 181 -0.94 6.93 -8.01
N GLY B 182 -0.40 6.33 -9.04
CA GLY B 182 -1.14 5.36 -9.81
C GLY B 182 -1.59 4.17 -8.98
N ASN B 183 -0.95 3.93 -7.83
CA ASN B 183 -1.31 2.82 -6.99
C ASN B 183 -2.23 3.25 -5.85
N LEU B 184 -2.63 4.52 -5.88
CA LEU B 184 -3.56 5.05 -4.89
C LEU B 184 -4.87 4.24 -4.77
N PRO B 185 -5.47 3.71 -5.90
CA PRO B 185 -6.66 2.93 -5.95
C PRO B 185 -6.63 1.68 -5.07
N ILE B 186 -5.47 1.26 -4.60
CA ILE B 186 -5.45 0.10 -3.73
C ILE B 186 -6.19 0.38 -2.43
N TYR B 187 -6.28 1.66 -2.05
CA TYR B 187 -6.97 2.08 -0.85
C TYR B 187 -8.45 2.24 -1.17
N PRO B 188 -9.36 2.23 -0.19
CA PRO B 188 -10.74 2.53 -0.40
C PRO B 188 -10.81 3.84 -1.12
N HIS B 189 -11.56 3.88 -2.21
CA HIS B 189 -11.58 5.08 -3.00
C HIS B 189 -12.77 5.14 -3.90
N GLN B 190 -13.00 6.28 -4.46
CA GLN B 190 -14.06 6.48 -5.42
C GLN B 190 -13.69 7.69 -6.27
N TYR B 191 -14.12 7.72 -7.52
CA TYR B 191 -13.76 8.86 -8.36
C TYR B 191 -14.91 9.80 -8.54
N ILE B 192 -14.59 11.05 -8.82
CA ILE B 192 -15.59 11.98 -9.27
C ILE B 192 -15.27 12.42 -10.68
N ASN B 193 -16.03 11.90 -11.61
CA ASN B 193 -15.87 12.19 -13.02
C ASN B 193 -16.94 13.13 -13.40
N LEU B 194 -16.59 14.34 -13.76
CA LEU B 194 -17.61 15.36 -13.95
C LEU B 194 -18.64 14.99 -15.04
N ARG B 195 -18.36 13.96 -15.83
CA ARG B 195 -19.30 13.52 -16.85
C ARG B 195 -20.44 12.69 -16.28
N THR B 196 -20.18 11.99 -15.19
CA THR B 196 -21.13 10.99 -14.71
C THR B 196 -21.57 11.10 -13.25
N ASN B 197 -20.85 11.84 -12.43
CA ASN B 197 -21.27 11.91 -11.03
C ASN B 197 -20.85 13.18 -10.34
N ASN B 198 -21.69 13.66 -9.44
CA ASN B 198 -21.39 14.89 -8.74
C ASN B 198 -21.00 14.60 -7.29
N SER B 199 -20.88 13.31 -6.93
CA SER B 199 -20.51 13.01 -5.58
C SER B 199 -19.87 11.66 -5.41
N ALA B 200 -19.17 11.53 -4.29
CA ALA B 200 -18.55 10.27 -3.87
C ALA B 200 -18.85 10.01 -2.42
N THR B 201 -19.11 8.75 -2.08
CA THR B 201 -19.42 8.39 -0.71
C THR B 201 -18.61 7.19 -0.22
N LEU B 202 -17.88 7.37 0.87
CA LEU B 202 -17.10 6.30 1.45
C LEU B 202 -17.60 5.98 2.85
N ILE B 203 -17.72 4.70 3.17
CA ILE B 203 -18.04 4.28 4.53
C ILE B 203 -16.81 3.66 5.14
N LEU B 204 -16.33 4.22 6.21
CA LEU B 204 -15.10 3.75 6.82
C LEU B 204 -15.35 3.12 8.20
N PRO B 205 -14.95 1.87 8.43
CA PRO B 205 -15.00 1.18 9.68
C PRO B 205 -13.85 1.67 10.52
N TYR B 206 -13.88 1.43 11.80
CA TYR B 206 -12.73 1.74 12.60
C TYR B 206 -11.61 0.77 12.31
N VAL B 207 -10.45 1.29 11.97
CA VAL B 207 -9.31 0.46 11.68
C VAL B 207 -8.12 0.86 12.51
N ASN B 208 -7.60 -0.09 13.28
CA ASN B 208 -6.45 0.12 14.12
C ASN B 208 -5.96 -1.22 14.63
N ALA B 209 -4.78 -1.24 15.24
CA ALA B 209 -4.27 -2.44 15.88
C ALA B 209 -4.77 -2.56 17.32
N VAL B 210 -5.50 -1.55 17.78
CA VAL B 210 -6.02 -1.53 19.13
C VAL B 210 -7.51 -1.18 19.10
N PRO B 211 -8.31 -1.63 20.08
CA PRO B 211 -9.72 -1.35 20.26
C PRO B 211 -10.08 0.13 20.16
N MET B 212 -9.39 0.95 20.95
CA MET B 212 -9.65 2.39 21.03
C MET B 212 -8.34 3.12 21.07
N ASP B 213 -8.34 4.42 20.78
CA ASP B 213 -7.08 5.13 20.82
C ASP B 213 -7.24 6.60 21.19
N SER B 214 -6.14 7.31 21.27
CA SER B 214 -6.16 8.70 21.67
C SER B 214 -6.47 9.62 20.51
N MET B 215 -7.62 10.25 20.59
CA MET B 215 -8.20 11.04 19.50
C MET B 215 -7.35 12.22 19.06
N LEU B 216 -6.53 12.74 19.96
CA LEU B 216 -5.73 13.92 19.65
C LEU B 216 -4.25 13.60 19.33
N ARG B 217 -3.90 12.32 19.36
CA ARG B 217 -2.50 11.90 19.14
C ARG B 217 -2.35 11.07 17.89
N HIS B 218 -3.38 10.33 17.54
CA HIS B 218 -3.30 9.42 16.42
C HIS B 218 -4.43 9.61 15.45
N ASN B 219 -4.10 9.86 14.19
CA ASN B 219 -5.12 9.94 13.16
C ASN B 219 -5.33 8.57 12.59
N ASN B 220 -6.54 8.27 12.21
CA ASN B 220 -6.83 6.96 11.68
C ASN B 220 -6.87 6.96 10.19
N TRP B 221 -7.47 7.99 9.62
CA TRP B 221 -7.63 8.05 8.19
C TRP B 221 -7.20 9.37 7.63
N SER B 222 -6.70 9.33 6.43
CA SER B 222 -6.40 10.55 5.70
C SER B 222 -7.25 10.62 4.45
N LEU B 223 -7.97 11.70 4.31
CA LEU B 223 -8.82 11.89 3.16
C LEU B 223 -8.10 12.69 2.13
N VAL B 224 -7.87 12.08 0.99
CA VAL B 224 -7.09 12.72 -0.04
C VAL B 224 -7.88 12.89 -1.31
N ILE B 225 -7.91 14.12 -1.83
CA ILE B 225 -8.60 14.40 -3.07
C ILE B 225 -7.63 14.97 -4.10
N ILE B 226 -7.42 14.24 -5.19
CA ILE B 226 -6.45 14.66 -6.20
C ILE B 226 -7.04 14.76 -7.62
N PRO B 227 -6.83 15.88 -8.32
CA PRO B 227 -7.25 16.10 -9.67
C PRO B 227 -6.39 15.35 -10.66
N ILE B 228 -6.83 14.14 -10.96
CA ILE B 228 -6.13 13.27 -11.91
C ILE B 228 -6.14 13.91 -13.29
N CYS B 229 -7.24 14.55 -13.61
CA CYS B 229 -7.34 15.29 -14.85
C CYS B 229 -7.85 16.68 -14.49
N PRO B 230 -7.29 17.74 -15.11
CA PRO B 230 -7.52 19.11 -14.80
C PRO B 230 -8.90 19.53 -15.17
N LEU B 231 -9.39 20.54 -14.47
CA LEU B 231 -10.66 21.12 -14.78
C LEU B 231 -10.58 21.92 -16.06
N GLN B 232 -11.41 21.59 -17.03
CA GLN B 232 -11.42 22.31 -18.29
C GLN B 232 -12.78 22.85 -18.60
N VAL B 233 -12.83 24.15 -18.84
CA VAL B 233 -14.07 24.85 -19.08
C VAL B 233 -13.90 25.81 -20.25
N GLN B 234 -14.88 25.86 -21.14
CA GLN B 234 -14.82 26.87 -22.19
C GLN B 234 -15.28 28.22 -21.64
N PRO B 235 -14.79 29.33 -22.18
CA PRO B 235 -15.17 30.66 -21.80
C PRO B 235 -16.67 30.80 -21.84
N GLY B 236 -17.20 31.47 -20.84
CA GLY B 236 -18.64 31.65 -20.71
C GLY B 236 -19.21 30.71 -19.65
N GLY B 237 -18.49 29.65 -19.33
CA GLY B 237 -18.93 28.75 -18.29
C GLY B 237 -18.35 29.18 -16.96
N THR B 238 -18.61 28.40 -15.91
CA THR B 238 -18.07 28.71 -14.60
C THR B 238 -16.68 28.12 -14.52
N GLN B 239 -15.70 28.96 -14.23
CA GLN B 239 -14.30 28.55 -14.34
C GLN B 239 -13.76 27.88 -13.08
N SER B 240 -14.55 27.87 -12.03
CA SER B 240 -14.13 27.23 -10.80
C SER B 240 -15.25 26.45 -10.19
N ILE B 241 -14.94 25.29 -9.66
CA ILE B 241 -15.93 24.48 -9.01
C ILE B 241 -15.56 24.23 -7.57
N PRO B 242 -16.42 24.55 -6.60
CA PRO B 242 -16.16 24.27 -5.22
C PRO B 242 -16.24 22.80 -4.94
N ILE B 243 -15.45 22.34 -4.00
CA ILE B 243 -15.53 20.99 -3.51
C ILE B 243 -15.85 21.01 -2.05
N THR B 244 -16.90 20.33 -1.66
CA THR B 244 -17.36 20.35 -0.30
C THR B 244 -17.32 18.97 0.30
N VAL B 245 -16.83 18.86 1.51
CA VAL B 245 -16.75 17.57 2.16
C VAL B 245 -17.59 17.55 3.43
N SER B 246 -18.47 16.55 3.54
CA SER B 246 -19.30 16.37 4.72
C SER B 246 -19.00 15.02 5.35
N ILE B 247 -18.70 15.02 6.64
CA ILE B 247 -18.31 13.80 7.30
C ILE B 247 -19.13 13.52 8.52
N SER B 248 -19.60 12.29 8.66
CA SER B 248 -20.34 11.93 9.85
C SER B 248 -19.69 10.77 10.57
N PRO B 249 -19.42 10.88 11.88
CA PRO B 249 -18.99 9.82 12.72
C PRO B 249 -20.03 8.73 12.75
N MET B 250 -19.60 7.49 12.84
CA MET B 250 -20.55 6.40 12.98
C MET B 250 -20.22 5.58 14.18
N PHE B 251 -21.22 5.28 14.97
CA PHE B 251 -21.02 4.48 16.17
C PHE B 251 -19.89 5.01 17.02
N SER B 252 -19.82 6.33 17.20
CA SER B 252 -18.74 6.82 17.99
C SER B 252 -18.84 6.38 19.45
N GLU B 253 -17.68 6.11 20.06
CA GLU B 253 -17.57 5.75 21.46
C GLU B 253 -16.44 6.49 22.12
N PHE B 254 -16.62 6.84 23.37
CA PHE B 254 -15.56 7.49 24.12
C PHE B 254 -15.40 6.89 25.50
N SER B 255 -14.19 6.92 26.04
CA SER B 255 -14.01 6.46 27.41
C SER B 255 -12.85 7.15 28.11
N GLY B 256 -12.90 7.11 29.42
CA GLY B 256 -11.87 7.71 30.26
C GLY B 256 -12.02 9.23 30.33
N PRO B 257 -13.06 9.76 31.01
CA PRO B 257 -13.33 11.17 31.18
C PRO B 257 -12.17 11.85 31.87
N ARG B 258 -11.92 13.08 31.50
CA ARG B 258 -10.86 13.86 32.11
C ARG B 258 -11.06 15.35 31.90
N SER B 259 -10.19 16.15 32.51
CA SER B 259 -10.23 17.59 32.29
C SER B 259 -10.01 17.89 30.82
N LYS B 260 -10.69 18.89 30.32
CA LYS B 260 -10.56 19.23 28.91
C LYS B 260 -9.14 19.54 28.53
N VAL B 261 -8.68 18.94 27.45
CA VAL B 261 -7.35 19.24 26.95
C VAL B 261 -7.29 20.64 26.41
N VAL B 262 -6.35 21.43 26.92
CA VAL B 262 -6.23 22.83 26.53
C VAL B 262 -5.61 23.05 25.17
N PHE B 263 -4.79 22.10 24.74
CA PHE B 263 -4.10 22.19 23.46
C PHE B 263 -3.32 23.47 23.35
N SER C 21 14.80 -25.62 17.29
CA SER C 21 13.79 -24.59 16.91
C SER C 21 13.00 -24.04 18.14
N PRO C 22 13.67 -23.68 19.26
CA PRO C 22 13.10 -23.24 20.51
C PRO C 22 12.61 -21.83 20.48
N SER C 23 11.76 -21.49 21.44
CA SER C 23 11.39 -20.11 21.69
C SER C 23 12.32 -19.49 22.70
N ALA C 24 12.62 -18.23 22.52
CA ALA C 24 13.44 -17.47 23.44
C ALA C 24 12.64 -16.93 24.62
N PHE C 25 11.31 -17.06 24.55
CA PHE C 25 10.43 -16.50 25.56
C PHE C 25 9.38 -17.48 26.04
N PRO C 26 9.75 -18.47 26.84
CA PRO C 26 8.90 -19.54 27.23
C PRO C 26 7.78 -18.99 28.07
N TYR C 27 6.60 -19.58 27.92
CA TYR C 27 5.40 -19.18 28.67
C TYR C 27 4.89 -17.79 28.29
N PHE C 28 5.39 -17.22 27.22
CA PHE C 28 4.93 -15.93 26.77
C PHE C 28 3.64 -16.01 25.99
N HIS C 29 2.53 -15.61 26.60
CA HIS C 29 1.26 -15.60 25.88
C HIS C 29 1.24 -14.36 24.96
N PRO C 30 0.93 -14.50 23.66
CA PRO C 30 0.78 -13.42 22.70
C PRO C 30 -0.35 -12.49 23.07
N THR C 31 -0.22 -11.24 22.67
CA THR C 31 -1.30 -10.28 22.83
C THR C 31 -2.49 -10.70 21.99
N LYS C 32 -3.68 -10.67 22.58
CA LYS C 32 -4.89 -11.13 21.91
C LYS C 32 -5.16 -10.47 20.58
N GLU C 33 -5.52 -11.29 19.61
CA GLU C 33 -5.92 -10.84 18.29
C GLU C 33 -7.33 -10.26 18.32
N ILE C 34 -7.53 -9.14 17.63
CA ILE C 34 -8.83 -8.51 17.52
C ILE C 34 -9.19 -8.40 16.07
N PHE C 35 -10.43 -8.09 15.78
CA PHE C 35 -10.81 -7.96 14.40
C PHE C 35 -10.33 -6.67 13.79
N ILE C 36 -9.57 -6.78 12.73
CA ILE C 36 -9.11 -5.64 11.98
C ILE C 36 -9.59 -5.83 10.53
N PRO C 37 -10.34 -4.90 9.96
CA PRO C 37 -10.79 -4.91 8.59
C PRO C 37 -9.63 -4.93 7.62
N GLY C 38 -9.81 -5.57 6.48
CA GLY C 38 -8.79 -5.50 5.43
C GLY C 38 -7.78 -6.63 5.45
N GLN C 39 -8.11 -7.75 6.06
CA GLN C 39 -7.18 -8.86 6.11
C GLN C 39 -6.85 -9.36 4.73
N VAL C 40 -5.59 -9.64 4.49
CA VAL C 40 -5.11 -10.14 3.20
C VAL C 40 -4.72 -11.60 3.32
N ARG C 41 -5.15 -12.42 2.39
CA ARG C 41 -4.82 -13.84 2.42
C ARG C 41 -3.77 -14.17 1.39
N ASN C 42 -3.88 -13.57 0.21
CA ASN C 42 -2.95 -13.80 -0.89
C ASN C 42 -2.68 -12.51 -1.65
N LEU C 43 -1.62 -12.47 -2.46
CA LEU C 43 -1.33 -11.29 -3.24
C LEU C 43 -2.19 -11.14 -4.47
N ILE C 44 -2.92 -12.16 -4.84
CA ILE C 44 -3.74 -12.05 -6.02
C ILE C 44 -4.89 -11.12 -5.73
N GLU C 45 -5.30 -11.08 -4.46
CA GLU C 45 -6.37 -10.22 -4.05
C GLU C 45 -6.02 -8.76 -4.32
N MET C 46 -4.72 -8.45 -4.35
CA MET C 46 -4.23 -7.13 -4.64
C MET C 46 -4.14 -6.91 -6.14
N CYS C 47 -3.76 -7.96 -6.87
CA CYS C 47 -3.61 -7.90 -8.33
C CYS C 47 -4.94 -7.68 -9.02
N GLN C 48 -6.02 -8.00 -8.33
CA GLN C 48 -7.36 -7.83 -8.89
C GLN C 48 -7.95 -6.43 -8.63
N VAL C 49 -7.11 -5.48 -8.24
CA VAL C 49 -7.56 -4.11 -8.08
C VAL C 49 -7.13 -3.22 -9.26
N ASP C 50 -8.11 -2.62 -9.95
CA ASP C 50 -7.78 -1.73 -11.09
C ASP C 50 -6.78 -0.67 -10.64
N THR C 51 -5.65 -0.60 -11.33
CA THR C 51 -4.56 0.30 -10.99
C THR C 51 -4.08 1.09 -12.21
N LEU C 52 -3.77 2.37 -12.04
CA LEU C 52 -3.45 3.24 -13.18
C LEU C 52 -2.14 2.89 -13.85
N ILE C 53 -2.12 3.01 -15.16
CA ILE C 53 -0.93 2.79 -15.97
C ILE C 53 -0.34 4.13 -16.41
N PRO C 54 0.93 4.43 -16.12
CA PRO C 54 1.60 5.63 -16.50
C PRO C 54 1.98 5.59 -17.96
N VAL C 55 0.97 5.68 -18.80
CA VAL C 55 1.15 5.55 -20.24
C VAL C 55 1.96 6.67 -20.84
N ASN C 56 1.71 7.90 -20.42
CA ASN C 56 2.32 9.06 -21.05
C ASN C 56 3.71 9.33 -20.49
N ASN C 57 4.62 8.42 -20.76
CA ASN C 57 5.96 8.52 -20.21
C ASN C 57 6.87 9.41 -20.98
N THR C 58 6.69 10.68 -20.88
CA THR C 58 7.61 11.56 -21.56
C THR C 58 8.43 12.27 -20.52
N GLN C 59 9.52 12.89 -20.93
CA GLN C 59 10.36 13.59 -19.96
C GLN C 59 9.62 14.71 -19.25
N GLU C 60 8.62 15.26 -19.90
CA GLU C 60 7.84 16.34 -19.33
C GLU C 60 6.72 15.84 -18.42
N ASN C 61 6.47 14.53 -18.40
CA ASN C 61 5.36 13.99 -17.64
C ASN C 61 5.74 13.00 -16.54
N VAL C 62 6.89 12.34 -16.65
CA VAL C 62 7.28 11.31 -15.66
C VAL C 62 7.48 11.83 -14.23
N ARG C 63 7.44 13.14 -14.04
CA ARG C 63 7.57 13.72 -12.71
C ARG C 63 6.25 14.26 -12.16
N SER C 64 5.13 13.94 -12.83
CA SER C 64 3.86 14.47 -12.36
C SER C 64 2.68 13.59 -12.68
N VAL C 65 1.52 14.01 -12.23
CA VAL C 65 0.27 13.28 -12.38
C VAL C 65 -0.08 13.02 -13.83
N ASN C 66 0.31 13.93 -14.70
CA ASN C 66 -0.02 13.86 -16.12
C ASN C 66 0.40 12.55 -16.78
N MET C 67 1.38 11.85 -16.21
CA MET C 67 1.86 10.60 -16.80
C MET C 67 0.72 9.56 -16.91
N TYR C 68 -0.32 9.72 -16.10
CA TYR C 68 -1.38 8.73 -16.07
C TYR C 68 -2.51 9.04 -17.02
N THR C 69 -2.35 10.06 -17.85
CA THR C 69 -3.42 10.40 -18.77
C THR C 69 -2.99 10.32 -20.22
N VAL C 70 -3.94 10.03 -21.10
CA VAL C 70 -3.73 9.98 -22.54
C VAL C 70 -4.60 11.01 -23.22
N ASP C 71 -4.01 11.82 -24.09
CA ASP C 71 -4.77 12.88 -24.76
C ASP C 71 -5.55 12.45 -25.98
N LEU C 72 -6.81 12.87 -26.02
CA LEU C 72 -7.70 12.65 -27.14
C LEU C 72 -8.07 14.00 -27.76
N ARG C 73 -8.13 14.07 -29.09
CA ARG C 73 -8.49 15.33 -29.75
C ARG C 73 -9.28 15.10 -31.00
N THR C 74 -10.08 16.08 -31.40
CA THR C 74 -10.70 16.01 -32.72
C THR C 74 -9.62 15.89 -33.78
N GLN C 75 -9.74 14.89 -34.65
CA GLN C 75 -8.75 14.64 -35.68
C GLN C 75 -9.15 15.20 -37.02
N VAL C 76 -8.16 15.52 -37.82
CA VAL C 76 -8.36 15.88 -39.21
C VAL C 76 -8.44 14.64 -40.08
N ASP C 77 -7.49 13.73 -39.87
CA ASP C 77 -7.41 12.48 -40.59
C ASP C 77 -8.16 11.40 -39.85
N LEU C 78 -8.43 10.29 -40.51
CA LEU C 78 -9.13 9.20 -39.87
C LEU C 78 -8.21 8.05 -39.49
N ALA C 79 -8.64 7.26 -38.51
CA ALA C 79 -7.94 6.05 -38.06
C ALA C 79 -6.51 6.30 -37.57
N LYS C 80 -6.32 7.35 -36.79
CA LYS C 80 -5.04 7.63 -36.19
C LYS C 80 -4.86 6.93 -34.87
N GLU C 81 -3.62 6.85 -34.41
CA GLU C 81 -3.35 6.18 -33.16
C GLU C 81 -3.49 7.13 -31.98
N VAL C 82 -3.92 6.56 -30.87
CA VAL C 82 -4.06 7.25 -29.62
C VAL C 82 -2.87 6.91 -28.72
N PHE C 83 -2.63 5.62 -28.51
CA PHE C 83 -1.48 5.22 -27.68
C PHE C 83 -1.06 3.78 -28.00
N SER C 84 0.11 3.39 -27.51
CA SER C 84 0.57 2.00 -27.63
C SER C 84 1.48 1.57 -26.49
N ILE C 85 1.16 0.43 -25.87
CA ILE C 85 2.00 -0.13 -24.80
C ILE C 85 2.24 -1.64 -25.00
N PRO C 86 3.36 -2.18 -24.54
CA PRO C 86 3.63 -3.59 -24.34
C PRO C 86 2.68 -4.15 -23.30
N VAL C 87 2.35 -5.43 -23.39
CA VAL C 87 1.54 -6.06 -22.34
C VAL C 87 2.29 -7.09 -21.52
N ASP C 88 3.58 -6.92 -21.42
CA ASP C 88 4.39 -7.73 -20.52
C ASP C 88 4.27 -7.10 -19.15
N ILE C 89 3.70 -7.81 -18.20
CA ILE C 89 3.29 -7.21 -16.93
C ILE C 89 4.40 -6.61 -16.08
N ALA C 90 5.64 -6.97 -16.32
CA ALA C 90 6.71 -6.37 -15.54
C ALA C 90 7.64 -5.52 -16.42
N SER C 91 7.16 -5.15 -17.59
CA SER C 91 7.90 -4.25 -18.48
C SER C 91 7.34 -2.84 -18.33
N GLN C 92 8.02 -1.85 -18.87
CA GLN C 92 7.48 -0.51 -18.79
C GLN C 92 6.34 -0.36 -19.78
N PRO C 93 5.32 0.45 -19.45
CA PRO C 93 5.01 1.17 -18.22
C PRO C 93 4.41 0.30 -17.12
N LEU C 94 3.99 -0.92 -17.46
CA LEU C 94 3.22 -1.76 -16.54
C LEU C 94 3.98 -2.14 -15.29
N ALA C 95 5.29 -2.11 -15.38
CA ALA C 95 6.17 -2.50 -14.30
C ALA C 95 5.91 -1.74 -13.03
N THR C 96 5.42 -0.52 -13.14
CA THR C 96 5.24 0.29 -11.95
C THR C 96 3.81 0.27 -11.42
N THR C 97 2.95 -0.52 -12.04
CA THR C 97 1.58 -0.68 -11.57
C THR C 97 1.59 -1.68 -10.45
N LEU C 98 0.50 -1.80 -9.75
CA LEU C 98 0.43 -2.74 -8.65
C LEU C 98 0.73 -4.15 -9.11
N ILE C 99 0.14 -4.56 -10.24
CA ILE C 99 0.43 -5.88 -10.75
C ILE C 99 1.86 -6.01 -11.13
N GLY C 100 2.40 -5.02 -11.81
CA GLY C 100 3.78 -5.10 -12.22
C GLY C 100 4.69 -5.23 -11.02
N GLU C 101 4.42 -4.47 -9.99
CA GLU C 101 5.23 -4.50 -8.80
C GLU C 101 5.14 -5.85 -8.12
N LEU C 102 3.96 -6.42 -8.03
CA LEU C 102 3.85 -7.72 -7.41
C LEU C 102 4.46 -8.78 -8.29
N ALA C 103 4.28 -8.64 -9.58
CA ALA C 103 4.84 -9.54 -10.56
C ALA C 103 6.34 -9.54 -10.52
N SER C 104 6.95 -8.42 -10.17
CA SER C 104 8.39 -8.33 -10.15
C SER C 104 8.99 -9.20 -9.06
N TYR C 105 8.16 -9.70 -8.13
CA TYR C 105 8.66 -10.59 -7.09
C TYR C 105 8.51 -12.03 -7.48
N TYR C 106 8.08 -12.29 -8.70
CA TYR C 106 7.92 -13.65 -9.20
C TYR C 106 8.59 -13.80 -10.55
N THR C 107 8.93 -15.02 -10.90
CA THR C 107 9.62 -15.27 -12.14
C THR C 107 8.65 -15.58 -13.27
N HIS C 108 7.64 -16.36 -12.95
CA HIS C 108 6.70 -16.86 -13.94
C HIS C 108 5.32 -16.27 -13.72
N TRP C 109 4.57 -16.11 -14.79
CA TRP C 109 3.18 -15.70 -14.62
C TRP C 109 2.28 -16.28 -15.67
N THR C 110 1.01 -16.34 -15.36
CA THR C 110 0.03 -16.79 -16.32
C THR C 110 -1.33 -16.21 -16.08
N GLY C 111 -2.26 -16.57 -16.95
CA GLY C 111 -3.64 -16.14 -16.89
C GLY C 111 -3.88 -14.83 -17.60
N SER C 112 -5.15 -14.58 -17.92
CA SER C 112 -5.55 -13.39 -18.65
C SER C 112 -5.48 -12.08 -17.84
N LEU C 113 -5.41 -10.98 -18.58
CA LEU C 113 -5.36 -9.63 -18.00
C LEU C 113 -6.55 -8.81 -18.41
N ARG C 114 -6.88 -7.83 -17.61
CA ARG C 114 -7.95 -6.92 -17.94
C ARG C 114 -7.44 -5.48 -18.02
N PHE C 115 -7.72 -4.82 -19.12
CA PHE C 115 -7.33 -3.43 -19.29
C PHE C 115 -8.56 -2.55 -19.37
N SER C 116 -8.62 -1.53 -18.55
CA SER C 116 -9.80 -0.68 -18.52
C SER C 116 -9.48 0.74 -18.87
N PHE C 117 -10.41 1.40 -19.50
CA PHE C 117 -10.19 2.77 -19.94
C PHE C 117 -11.32 3.66 -19.52
N MET C 118 -10.99 4.76 -18.85
CA MET C 118 -12.00 5.71 -18.42
C MET C 118 -11.94 6.98 -19.24
N PHE C 119 -13.08 7.39 -19.78
CA PHE C 119 -13.13 8.62 -20.55
C PHE C 119 -13.42 9.82 -19.65
N CYS C 120 -12.58 10.84 -19.74
CA CYS C 120 -12.72 12.00 -18.88
C CYS C 120 -12.95 13.29 -19.64
N GLY C 121 -13.72 13.21 -20.73
CA GLY C 121 -14.09 14.38 -21.52
C GLY C 121 -15.35 14.98 -20.95
N SER C 122 -16.16 15.66 -21.77
CA SER C 122 -17.36 16.27 -21.22
C SER C 122 -18.51 15.33 -21.40
N ALA C 123 -19.59 15.57 -20.69
CA ALA C 123 -20.79 14.76 -20.87
C ALA C 123 -21.31 14.90 -22.29
N SER C 124 -21.10 16.07 -22.86
CA SER C 124 -21.53 16.37 -24.21
C SER C 124 -20.61 15.79 -25.31
N SER C 125 -19.44 15.28 -24.94
CA SER C 125 -18.47 14.78 -25.92
C SER C 125 -18.92 13.43 -26.50
N THR C 126 -18.65 13.21 -27.78
CA THR C 126 -18.91 11.93 -28.44
C THR C 126 -17.63 11.31 -28.98
N LEU C 127 -17.44 10.02 -28.73
CA LEU C 127 -16.22 9.34 -29.17
C LEU C 127 -16.38 7.84 -29.31
N LYS C 128 -15.76 7.29 -30.35
CA LYS C 128 -15.64 5.84 -30.48
C LYS C 128 -14.19 5.45 -30.70
N LEU C 129 -13.67 4.56 -29.87
CA LEU C 129 -12.28 4.09 -29.97
C LEU C 129 -12.19 2.61 -30.24
N LEU C 130 -11.14 2.22 -30.93
CA LEU C 130 -10.81 0.81 -31.09
C LEU C 130 -9.67 0.45 -30.18
N ILE C 131 -9.88 -0.53 -29.33
CA ILE C 131 -8.81 -1.00 -28.48
C ILE C 131 -8.41 -2.36 -28.99
N ALA C 132 -7.15 -2.60 -29.25
CA ALA C 132 -6.79 -3.86 -29.83
C ALA C 132 -5.53 -4.46 -29.27
N TYR C 133 -5.52 -5.78 -29.17
CA TYR C 133 -4.38 -6.54 -28.74
C TYR C 133 -3.78 -7.36 -29.87
N THR C 134 -2.48 -7.21 -30.02
CA THR C 134 -1.74 -7.90 -31.04
C THR C 134 -0.79 -8.92 -30.42
N PRO C 135 -0.98 -10.23 -30.72
CA PRO C 135 -0.15 -11.32 -30.30
C PRO C 135 1.27 -11.05 -30.76
N PRO C 136 2.27 -11.68 -30.16
CA PRO C 136 3.65 -11.52 -30.49
C PRO C 136 3.95 -12.12 -31.84
N GLY C 137 4.94 -11.50 -32.43
CA GLY C 137 5.77 -12.19 -33.37
C GLY C 137 5.64 -11.48 -34.69
N VAL C 138 4.71 -10.53 -34.71
CA VAL C 138 4.44 -9.68 -35.85
C VAL C 138 5.08 -8.32 -35.65
N GLY C 139 4.89 -7.75 -34.47
CA GLY C 139 5.36 -6.42 -34.17
C GLY C 139 4.17 -5.47 -34.06
N LYS C 140 4.42 -4.29 -33.55
CA LYS C 140 3.37 -3.30 -33.39
C LYS C 140 2.66 -3.04 -34.73
N PRO C 141 1.30 -3.03 -34.78
CA PRO C 141 0.48 -2.70 -35.92
C PRO C 141 0.81 -1.33 -36.44
N LYS C 142 0.81 -1.17 -37.76
CA LYS C 142 1.11 0.10 -38.37
C LYS C 142 -0.14 0.83 -38.80
N SER C 143 -1.27 0.17 -38.67
CA SER C 143 -2.55 0.69 -39.11
C SER C 143 -3.68 0.09 -38.36
N ARG C 144 -4.75 0.85 -38.24
CA ARG C 144 -5.96 0.34 -37.64
C ARG C 144 -6.40 -0.92 -38.36
N ARG C 145 -6.16 -0.97 -39.67
CA ARG C 145 -6.54 -2.10 -40.48
C ARG C 145 -5.87 -3.38 -40.01
N GLU C 146 -4.67 -3.26 -39.47
CA GLU C 146 -3.96 -4.42 -38.99
C GLU C 146 -4.39 -4.73 -37.58
N ALA C 147 -4.61 -3.68 -36.81
CA ALA C 147 -4.99 -3.81 -35.43
C ALA C 147 -6.29 -4.56 -35.29
N MET C 148 -7.23 -4.31 -36.19
CA MET C 148 -8.54 -4.92 -36.15
C MET C 148 -8.48 -6.44 -36.36
N LEU C 149 -7.34 -6.95 -36.81
CA LEU C 149 -7.26 -8.37 -37.09
C LEU C 149 -6.90 -9.16 -35.85
N GLY C 150 -6.63 -8.46 -34.75
CA GLY C 150 -6.30 -9.11 -33.49
C GLY C 150 -7.52 -9.13 -32.59
N THR C 151 -7.30 -9.18 -31.30
CA THR C 151 -8.39 -9.20 -30.35
C THR C 151 -8.77 -7.80 -30.06
N HIS C 152 -10.01 -7.44 -30.27
CA HIS C 152 -10.32 -6.04 -30.12
C HIS C 152 -11.68 -5.74 -29.61
N LEU C 153 -11.84 -4.50 -29.18
CA LEU C 153 -13.07 -3.95 -28.68
C LEU C 153 -13.36 -2.60 -29.27
N VAL C 154 -14.56 -2.41 -29.76
CA VAL C 154 -14.95 -1.07 -30.18
C VAL C 154 -15.76 -0.46 -29.08
N TRP C 155 -15.27 0.64 -28.56
CA TRP C 155 -15.81 1.26 -27.38
C TRP C 155 -16.62 2.51 -27.64
N ASP C 156 -17.91 2.42 -27.38
CA ASP C 156 -18.81 3.55 -27.52
C ASP C 156 -18.85 4.32 -26.23
N VAL C 157 -18.42 5.56 -26.25
CA VAL C 157 -18.43 6.36 -25.04
C VAL C 157 -19.83 6.95 -24.83
N GLY C 158 -20.43 6.71 -23.67
CA GLY C 158 -21.79 7.19 -23.45
C GLY C 158 -22.04 7.49 -21.99
N LEU C 159 -23.16 6.99 -21.47
CA LEU C 159 -23.50 7.18 -20.07
C LEU C 159 -22.50 6.47 -19.19
N GLN C 160 -22.01 5.35 -19.69
CA GLN C 160 -20.98 4.60 -19.01
C GLN C 160 -19.64 5.12 -19.50
N SER C 161 -18.74 5.35 -18.57
CA SER C 161 -17.46 5.96 -18.88
C SER C 161 -16.31 4.99 -18.97
N THR C 162 -16.51 3.75 -18.53
CA THR C 162 -15.39 2.82 -18.53
C THR C 162 -15.62 1.64 -19.43
N ALA C 163 -14.62 1.28 -20.19
CA ALA C 163 -14.68 0.05 -20.98
C ALA C 163 -13.57 -0.85 -20.62
N SER C 164 -13.81 -2.15 -20.70
CA SER C 164 -12.76 -3.11 -20.39
C SER C 164 -12.49 -4.05 -21.53
N LEU C 165 -11.22 -4.28 -21.77
CA LEU C 165 -10.76 -5.25 -22.75
C LEU C 165 -10.02 -6.35 -22.06
N VAL C 166 -10.44 -7.57 -22.29
CA VAL C 166 -9.75 -8.67 -21.69
C VAL C 166 -8.78 -9.27 -22.67
N VAL C 167 -7.56 -9.45 -22.22
CA VAL C 167 -6.52 -10.03 -23.03
C VAL C 167 -6.33 -11.49 -22.61
N PRO C 168 -6.73 -12.44 -23.45
CA PRO C 168 -6.83 -13.84 -23.15
C PRO C 168 -5.48 -14.48 -23.01
N TRP C 169 -5.41 -15.58 -22.29
CA TRP C 169 -4.15 -16.28 -22.18
C TRP C 169 -3.82 -17.08 -23.38
N VAL C 170 -3.25 -16.44 -24.36
CA VAL C 170 -2.81 -17.14 -25.53
C VAL C 170 -1.31 -17.29 -25.45
N SER C 171 -0.86 -18.53 -25.43
CA SER C 171 0.53 -18.84 -25.23
C SER C 171 0.88 -20.23 -25.66
N ALA C 172 2.14 -20.41 -26.04
CA ALA C 172 2.67 -21.71 -26.39
C ALA C 172 3.07 -22.50 -25.14
N SER C 173 2.96 -21.87 -24.00
CA SER C 173 3.35 -22.45 -22.74
C SER C 173 2.35 -22.09 -21.69
N HIS C 174 2.38 -22.79 -20.57
CA HIS C 174 1.49 -22.50 -19.49
C HIS C 174 1.86 -21.20 -18.80
N PHE C 175 3.16 -20.92 -18.75
CA PHE C 175 3.66 -19.72 -18.11
C PHE C 175 4.59 -18.92 -19.00
N ARG C 176 4.60 -17.62 -18.79
CA ARG C 176 5.56 -16.72 -19.40
C ARG C 176 6.45 -16.17 -18.33
N PHE C 177 7.57 -15.62 -18.74
CA PHE C 177 8.44 -14.97 -17.78
C PHE C 177 7.97 -13.58 -17.50
N THR C 178 8.22 -13.11 -16.28
CA THR C 178 7.97 -11.72 -15.95
C THR C 178 9.11 -10.86 -16.50
N THR C 179 10.25 -11.48 -16.71
CA THR C 179 11.41 -10.81 -17.27
C THR C 179 11.07 -10.31 -18.67
N PRO C 180 11.36 -9.04 -19.01
CA PRO C 180 11.09 -8.43 -20.29
C PRO C 180 12.05 -8.89 -21.37
N ASP C 181 12.01 -10.18 -21.63
CA ASP C 181 12.79 -10.83 -22.68
C ASP C 181 11.92 -11.07 -23.87
N THR C 182 12.22 -10.38 -24.97
CA THR C 182 11.40 -10.43 -26.18
C THR C 182 10.87 -11.84 -26.49
N TYR C 183 11.69 -12.86 -26.26
CA TYR C 183 11.33 -14.24 -26.57
C TYR C 183 9.94 -14.64 -26.07
N SER C 184 9.60 -14.24 -24.86
CA SER C 184 8.33 -14.64 -24.26
C SER C 184 7.34 -13.50 -24.18
N SER C 185 7.59 -12.43 -24.95
CA SER C 185 6.73 -11.26 -24.90
C SER C 185 5.32 -11.59 -25.23
N ALA C 186 4.41 -10.97 -24.51
CA ALA C 186 2.99 -11.17 -24.70
C ALA C 186 2.40 -10.30 -25.81
N GLY C 187 3.20 -9.45 -26.44
CA GLY C 187 2.67 -8.62 -27.53
C GLY C 187 2.28 -7.21 -27.09
N TYR C 188 1.34 -6.59 -27.83
CA TYR C 188 1.06 -5.16 -27.67
C TYR C 188 -0.41 -4.81 -27.56
N ILE C 189 -0.70 -3.68 -26.90
CA ILE C 189 -2.00 -3.04 -26.96
C ILE C 189 -1.94 -1.70 -27.60
N THR C 190 -2.80 -1.50 -28.57
CA THR C 190 -2.87 -0.25 -29.26
C THR C 190 -4.26 0.31 -29.20
N CYS C 191 -4.36 1.60 -29.38
CA CYS C 191 -5.64 2.25 -29.42
C CYS C 191 -5.71 3.20 -30.57
N TRP C 192 -6.78 3.07 -31.34
CA TRP C 192 -6.98 3.83 -32.57
C TRP C 192 -8.31 4.53 -32.54
N TYR C 193 -8.43 5.61 -33.28
CA TYR C 193 -9.75 6.21 -33.38
C TYR C 193 -10.61 5.35 -34.27
N GLN C 194 -11.86 5.12 -33.87
CA GLN C 194 -12.79 4.38 -34.70
C GLN C 194 -13.52 5.35 -35.57
N THR C 195 -14.01 6.42 -34.96
CA THR C 195 -14.69 7.49 -35.68
C THR C 195 -13.87 8.77 -35.52
N ASN C 196 -14.25 9.56 -34.51
CA ASN C 196 -13.58 10.80 -34.19
C ASN C 196 -14.02 11.29 -32.84
N PHE C 197 -13.37 12.32 -32.38
CA PHE C 197 -13.78 13.02 -31.18
C PHE C 197 -14.61 14.20 -31.60
N VAL C 198 -15.89 14.14 -31.28
CA VAL C 198 -16.86 15.12 -31.76
C VAL C 198 -17.51 15.90 -30.65
N VAL C 199 -17.45 17.21 -30.74
CA VAL C 199 -18.04 18.04 -29.74
C VAL C 199 -18.86 19.16 -30.35
N PRO C 200 -19.88 19.67 -29.65
CA PRO C 200 -20.67 20.83 -29.95
C PRO C 200 -19.96 22.10 -29.52
N ASP C 201 -20.52 23.23 -29.89
CA ASP C 201 -20.00 24.49 -29.41
C ASP C 201 -20.06 24.54 -27.89
N SER C 202 -19.09 25.24 -27.31
CA SER C 202 -18.95 25.42 -25.85
C SER C 202 -18.41 24.18 -25.14
N THR C 203 -18.02 23.18 -25.91
CA THR C 203 -17.36 22.02 -25.36
C THR C 203 -15.91 22.00 -25.88
N PRO C 204 -14.89 21.76 -25.01
CA PRO C 204 -13.49 21.67 -25.38
C PRO C 204 -13.29 20.58 -26.42
N ASP C 205 -12.34 20.79 -27.32
CA ASP C 205 -12.03 19.79 -28.37
C ASP C 205 -11.02 18.78 -27.89
N ASN C 206 -10.61 18.93 -26.64
CA ASN C 206 -9.67 18.04 -25.98
C ASN C 206 -10.38 17.15 -25.00
N ALA C 207 -9.77 16.03 -24.69
CA ALA C 207 -10.22 15.18 -23.61
C ALA C 207 -9.10 14.31 -23.16
N LYS C 208 -9.23 13.73 -21.99
CA LYS C 208 -8.23 12.80 -21.53
C LYS C 208 -8.82 11.46 -21.24
N MET C 209 -7.99 10.45 -21.36
CA MET C 209 -8.35 9.09 -21.06
C MET C 209 -7.42 8.51 -20.03
N VAL C 210 -7.98 7.78 -19.10
CA VAL C 210 -7.19 7.18 -18.04
C VAL C 210 -7.17 5.67 -18.16
N CYS C 211 -5.97 5.09 -18.21
CA CYS C 211 -5.82 3.65 -18.42
C CYS C 211 -5.54 2.91 -17.12
N MET C 212 -6.18 1.75 -16.96
CA MET C 212 -6.05 0.92 -15.78
C MET C 212 -5.77 -0.53 -16.13
N VAL C 213 -5.11 -1.25 -15.24
CA VAL C 213 -4.89 -2.69 -15.43
C VAL C 213 -5.24 -3.48 -14.18
N SER C 214 -5.82 -4.67 -14.40
CA SER C 214 -6.15 -5.58 -13.30
C SER C 214 -6.09 -7.03 -13.76
N ALA C 215 -6.01 -7.93 -12.80
CA ALA C 215 -5.98 -9.35 -13.09
C ALA C 215 -7.37 -9.98 -13.23
N CYS C 216 -7.47 -11.01 -14.07
CA CYS C 216 -8.69 -11.82 -14.18
C CYS C 216 -8.65 -13.00 -13.21
N LYS C 217 -9.75 -13.75 -13.11
CA LYS C 217 -9.83 -14.85 -12.13
C LYS C 217 -8.76 -15.92 -12.32
N ASP C 218 -8.24 -16.07 -13.53
CA ASP C 218 -7.26 -17.11 -13.80
C ASP C 218 -5.81 -16.67 -13.61
N PHE C 219 -5.58 -15.43 -13.20
CA PHE C 219 -4.22 -14.92 -13.08
C PHE C 219 -3.44 -15.56 -11.95
N CYS C 220 -2.20 -15.98 -12.24
CA CYS C 220 -1.30 -16.55 -11.23
C CYS C 220 0.13 -16.09 -11.37
N LEU C 221 0.84 -16.08 -10.25
CA LEU C 221 2.28 -15.82 -10.22
C LEU C 221 2.99 -17.03 -9.63
N ARG C 222 4.22 -17.30 -10.08
CA ARG C 222 4.98 -18.46 -9.61
C ARG C 222 6.50 -18.20 -9.51
N LEU C 223 7.16 -18.93 -8.61
CA LEU C 223 8.61 -18.84 -8.44
C LEU C 223 9.06 -17.47 -7.97
N ALA C 224 9.02 -17.26 -6.66
CA ALA C 224 9.37 -15.98 -6.06
C ALA C 224 10.84 -15.63 -6.25
N ARG C 225 11.12 -14.34 -6.42
CA ARG C 225 12.46 -13.82 -6.59
C ARG C 225 12.56 -12.39 -6.10
N ASP C 226 13.77 -11.92 -5.88
CA ASP C 226 13.95 -10.52 -5.51
C ASP C 226 13.49 -9.60 -6.62
N THR C 227 12.83 -8.50 -6.25
CA THR C 227 12.40 -7.51 -7.22
C THR C 227 13.57 -6.80 -7.86
N ASN C 228 13.44 -6.47 -9.13
CA ASN C 228 14.43 -5.65 -9.79
C ASN C 228 14.00 -4.18 -9.85
N LEU C 229 12.97 -3.82 -9.11
CA LEU C 229 12.44 -2.48 -9.15
C LEU C 229 12.83 -1.63 -7.95
N HIS C 230 13.76 -2.09 -7.14
CA HIS C 230 14.17 -1.31 -5.99
C HIS C 230 15.58 -1.67 -5.57
N THR C 231 16.36 -0.66 -5.16
CA THR C 231 17.75 -0.87 -4.77
C THR C 231 18.10 -0.19 -3.45
N GLN C 232 19.30 -0.46 -2.97
CA GLN C 232 19.84 0.16 -1.76
C GLN C 232 21.33 0.33 -1.88
N GLU C 233 21.83 1.51 -1.51
CA GLU C 233 23.26 1.78 -1.58
C GLU C 233 23.92 1.94 -0.22
N GLY C 234 23.15 2.38 0.78
CA GLY C 234 23.72 2.70 2.08
C GLY C 234 23.12 1.85 3.19
N ASN D 29 1.47 -34.77 13.04
CA ASN D 29 1.77 -33.35 13.18
C ASN D 29 2.56 -33.12 14.46
N ILE D 30 3.83 -33.49 14.45
CA ILE D 30 4.64 -33.52 15.66
C ILE D 30 5.21 -32.18 16.08
N ASN D 31 4.92 -31.80 17.32
CA ASN D 31 5.48 -30.63 17.95
C ASN D 31 6.55 -31.06 18.92
N TYR D 32 7.72 -30.44 18.82
CA TYR D 32 8.85 -30.82 19.66
C TYR D 32 9.06 -29.87 20.82
N PHE D 33 8.36 -28.74 20.79
CA PHE D 33 8.54 -27.73 21.80
C PHE D 33 7.19 -27.36 22.39
N LYS D 34 7.20 -26.95 23.64
CA LYS D 34 5.96 -26.62 24.35
C LYS D 34 5.26 -25.37 23.82
N ASP D 35 6.02 -24.40 23.38
CA ASP D 35 5.47 -23.13 22.94
C ASP D 35 4.95 -23.22 21.49
N ALA D 36 3.71 -22.79 21.27
CA ALA D 36 3.09 -22.85 19.93
C ALA D 36 3.88 -22.09 18.88
N ALA D 37 4.53 -21.01 19.30
CA ALA D 37 5.31 -20.18 18.40
C ALA D 37 6.45 -20.96 17.76
N SER D 38 6.86 -22.06 18.39
CA SER D 38 7.97 -22.84 17.91
C SER D 38 7.56 -23.80 16.80
N SER D 39 6.27 -23.89 16.53
CA SER D 39 5.80 -24.76 15.47
C SER D 39 6.18 -24.15 14.12
N GLY D 40 6.10 -24.96 13.07
CA GLY D 40 6.51 -24.51 11.73
C GLY D 40 5.46 -23.69 11.00
N ALA D 41 5.63 -23.56 9.69
CA ALA D 41 4.77 -22.72 8.88
C ALA D 41 3.32 -23.16 8.94
N SER D 42 2.43 -22.18 8.86
CA SER D 42 0.99 -22.44 8.89
C SER D 42 0.50 -23.09 7.63
N ARG D 43 -0.53 -23.91 7.77
CA ARG D 43 -1.21 -24.45 6.62
C ARG D 43 -1.97 -23.32 5.96
N LEU D 44 -2.35 -23.51 4.70
CA LEU D 44 -3.11 -22.50 3.99
C LEU D 44 -4.60 -22.77 4.10
N ASP D 45 -5.40 -21.72 3.97
CA ASP D 45 -6.84 -21.85 4.03
C ASP D 45 -7.52 -20.72 3.24
#